data_8JBF
#
_entry.id   8JBF
#
_cell.length_a   1.00
_cell.length_b   1.00
_cell.length_c   1.00
_cell.angle_alpha   90.00
_cell.angle_beta   90.00
_cell.angle_gamma   90.00
#
_symmetry.space_group_name_H-M   'P 1'
#
loop_
_entity.id
_entity.type
_entity.pdbx_description
1 polymer 'Neuromedin-K receptor'
2 polymer 'Guanine nucleotide-binding protein G(I)/G(S)/G(T) subunit beta-1'
3 polymer 'ScFv16 nanobody'
4 polymer 'Guanine nucleotide-binding protein G(I)/G(S)/G(O) subunit gamma-2'
5 polymer Senktide
6 polymer 'Guanine nucleotide-binding protein Gq subunit alpha'
#
loop_
_entity_poly.entity_id
_entity_poly.type
_entity_poly.pdbx_seq_one_letter_code
_entity_poly.pdbx_strand_id
1 'polypeptide(L)'
;MATLPAAETWIDGGGGVGADAVNLTASLAAGAATGAVETGWLQLLDQAGNLSSSPSALGLPVASPAPSQPWANLTNQFVQ
PSWRIALWSLAYGVVVAVAVLGNLIVIWIILAHKRMRTVTNYFLVNLAFSDASMAAFNTLVNFIYALHSEWYFGANYCRF
QNFFPITAVFASIYSMTAIAVDRYMAIIDPLKPRLSATATKIVIGSIWILAFLLAFPQCLYSKTKVMPGRTLCFVQWPEG
PKQHFTYHIIVIILVYCFPLLIMGITYTIVGITLWGGEIPGDTCDKYHEQLKAKRKVVKMMIIVVMTFAICWLPYHIYFI
LTAIYQQLNRWKYIQQVYLASFWLAMSSTMYNPIIYCCLNKRFRAGFKRAFRWCPFIKVSSYDELELKTTRFHP
;
B
2 'polypeptide(L)'
;HMHHHHHGSLLQSELDQLRQEAEQLKNQIRDARKACADATLSQITNNIDPVGRIQMRTRRTLRGHLAKIYAMHWGTDSRL
LVSASQDGKLIIWDSYTTNKVHAIPLRSSWVMTCAYAPSGNYVACGGLDNICSIYNLKTRDGDVRVSRELAGHTGYLSCC
RFLDDNQIVTSSGDTTCALWDIETGQQTTTFTGHTGDVMSLSLAPDTRLFVSGACDASAKLWDVREGMCRQTFTGHESDI
NAICFFPNGNAFATGSDDATCRLFDLRADQELMTYSHDNIICGITSVSFSKSGRLLLAGYDDFNCNVWDALKADRAGVLA
GHDNRVSCLGVTDDGMAVATGSWDSFLKIWNGSSGGGGSGGGGSSGVSGWRLFKKIS
;
D
3 'polypeptide(L)'
;MLLVNQSHQGFNKEHTSKMVSAIVLYVLLAAAAHSAFAVQLVESGGGLVQPGGSRKLSCSASGFAFSSFGMHWVRQAPEK
GLEWVAYISSGSGTIYYADTVKGRFTISRDDPKNTLFLQMTSLRSEDTAMYYCVRSIYYYGSSPFDFWGQGTTLTVSAGG
GGSGGGGSGGGGSSDIVMTQATSSVPVTPGESVSISCRSSKSLLHSNGNTYLYWFLQRPGQSPQLLIYRMSNLASGVPDR
FSGSGSGTAFTLTISRLEAEDVGVYYCMQHLEYPLTFGAGTKLELVDENLYFQGASHHHHHHHH
;
E
4 'polypeptide(L)' MASNNTASIAQARKLVEQLKMEANIDRIKVSKAAADLMAYCEAHAKEDPLLTPVPASENPFREKKFFCAIL G
5 'polypeptide(L)' DDFFGLMA A
6 'polypeptide(L)'
;MGCTLSAEDKAAVERSKMIEKQLQKDKQVYRRTLRLLLLGADNSGKSTIVKQMRIYHVNGYSEEECKQYKAVVYSNTIQS
IIAIIRAMGRLKIDFGDSARADDARQLFVLAGAAEEGFMTAELAGVIKRLWKDSGVQACFNRSREYQLNDSAAYYLNDLD
RIAQPNYIPTQQDVLRTRVKTSGIFETKFQVDKVNFHMFDVGAQRDERRKWIQCFNDVTAIIFVVDSSDYNRLQEALNDF
DSIWNNRWLRTISVILFLNKQDLLAEKVLAGKSKIEDYFPEFARYTTPEDATPEPGEDPRVTRAKYFIRKEFVDISTASG
DGRHICYPHFTCAVDTENARRIFNDCKDIILQMNLREYNLV
;
C
#
# COMPACT_ATOMS: atom_id res chain seq x y z
N ASN A 76 -55.17 0.65 43.25
CA ASN A 76 -54.52 0.58 41.94
C ASN A 76 -54.75 1.87 41.15
N GLN A 77 -53.68 2.62 40.93
CA GLN A 77 -53.77 3.91 40.26
C GLN A 77 -52.46 4.12 39.48
N PHE A 78 -52.17 5.39 39.16
CA PHE A 78 -51.24 5.99 38.18
C PHE A 78 -51.86 6.05 36.80
N VAL A 79 -53.16 5.77 36.68
CA VAL A 79 -53.84 5.75 35.39
C VAL A 79 -53.94 7.18 34.88
N GLN A 80 -53.08 7.53 33.93
CA GLN A 80 -52.99 8.89 33.44
C GLN A 80 -54.16 9.18 32.50
N PRO A 81 -54.70 10.39 32.54
CA PRO A 81 -55.78 10.77 31.61
C PRO A 81 -55.26 10.90 30.19
N SER A 82 -56.21 11.01 29.26
CA SER A 82 -55.90 11.01 27.84
C SER A 82 -55.17 12.26 27.38
N TRP A 83 -55.17 13.34 28.17
CA TRP A 83 -54.56 14.58 27.73
C TRP A 83 -53.08 14.69 28.07
N ARG A 84 -52.58 13.93 29.03
CA ARG A 84 -51.16 13.89 29.30
C ARG A 84 -50.47 12.71 28.64
N ILE A 85 -51.20 11.65 28.29
CA ILE A 85 -50.61 10.57 27.52
C ILE A 85 -50.37 11.02 26.09
N ALA A 86 -51.06 12.06 25.62
CA ALA A 86 -50.78 12.67 24.33
C ALA A 86 -49.63 13.67 24.40
N LEU A 87 -49.54 14.42 25.50
CA LEU A 87 -48.53 15.47 25.60
C LEU A 87 -47.16 14.95 26.00
N TRP A 88 -47.07 13.74 26.54
CA TRP A 88 -45.78 13.07 26.66
C TRP A 88 -45.40 12.32 25.38
N SER A 89 -46.39 11.84 24.63
CA SER A 89 -46.10 10.99 23.48
C SER A 89 -45.64 11.79 22.27
N LEU A 90 -46.18 12.99 22.09
CA LEU A 90 -45.68 13.83 21.01
C LEU A 90 -44.32 14.43 21.33
N ALA A 91 -43.89 14.34 22.59
CA ALA A 91 -42.54 14.72 22.95
C ALA A 91 -41.55 13.57 22.83
N TYR A 92 -42.00 12.32 23.01
CA TYR A 92 -41.05 11.22 22.95
C TYR A 92 -41.03 10.57 21.59
N GLY A 93 -42.15 10.63 20.86
CA GLY A 93 -42.12 10.19 19.48
C GLY A 93 -41.20 11.05 18.65
N VAL A 94 -41.20 12.36 18.92
CA VAL A 94 -40.32 13.26 18.19
C VAL A 94 -38.88 13.13 18.66
N VAL A 95 -38.64 12.52 19.82
CA VAL A 95 -37.26 12.16 20.16
C VAL A 95 -36.78 11.01 19.30
N VAL A 96 -37.58 9.95 19.19
CA VAL A 96 -37.20 8.80 18.40
C VAL A 96 -37.24 9.14 16.91
N ALA A 97 -38.16 10.01 16.49
CA ALA A 97 -38.27 10.34 15.07
C ALA A 97 -37.13 11.24 14.58
N VAL A 98 -36.40 11.87 15.49
CA VAL A 98 -35.13 12.50 15.10
C VAL A 98 -33.99 11.52 15.33
N ALA A 99 -34.12 10.63 16.31
CA ALA A 99 -33.04 9.71 16.61
C ALA A 99 -32.91 8.62 15.56
N VAL A 100 -33.92 7.75 15.43
CA VAL A 100 -33.76 6.57 14.58
C VAL A 100 -34.01 6.92 13.11
N LEU A 101 -34.34 8.19 12.84
CA LEU A 101 -34.30 8.71 11.48
C LEU A 101 -33.11 9.61 11.24
N GLY A 102 -32.28 9.82 12.26
CA GLY A 102 -31.07 10.60 12.12
C GLY A 102 -29.83 9.80 12.47
N ASN A 103 -29.97 8.76 13.28
CA ASN A 103 -28.78 8.01 13.66
C ASN A 103 -28.44 6.93 12.65
N LEU A 104 -29.41 6.14 12.22
CA LEU A 104 -29.10 5.06 11.30
C LEU A 104 -29.04 5.51 9.86
N ILE A 105 -29.16 6.81 9.60
CA ILE A 105 -28.73 7.36 8.33
C ILE A 105 -27.27 7.78 8.41
N VAL A 106 -26.72 7.92 9.61
CA VAL A 106 -25.30 8.23 9.79
C VAL A 106 -24.43 6.98 9.72
N ILE A 107 -24.93 5.84 10.21
CA ILE A 107 -24.25 4.56 9.97
C ILE A 107 -24.27 4.24 8.47
N TRP A 108 -25.32 4.66 7.76
CA TRP A 108 -25.40 4.42 6.32
C TRP A 108 -24.39 5.28 5.56
N ILE A 109 -24.14 6.50 6.03
CA ILE A 109 -23.15 7.37 5.42
C ILE A 109 -21.76 6.78 5.59
N ILE A 110 -21.49 6.18 6.75
CA ILE A 110 -20.15 5.68 7.01
C ILE A 110 -19.95 4.29 6.42
N LEU A 111 -20.93 3.39 6.58
CA LEU A 111 -20.73 2.03 6.08
C LEU A 111 -20.84 1.95 4.56
N ALA A 112 -21.94 2.43 3.99
CA ALA A 112 -22.24 2.15 2.59
C ALA A 112 -21.43 2.99 1.61
N HIS A 113 -20.52 3.83 2.07
CA HIS A 113 -19.67 4.63 1.21
C HIS A 113 -18.23 4.16 1.36
N LYS A 114 -17.33 4.80 0.61
CA LYS A 114 -15.91 4.44 0.66
C LYS A 114 -15.01 5.59 1.10
N ARG A 115 -15.38 6.84 0.81
CA ARG A 115 -14.56 7.96 1.25
C ARG A 115 -14.70 8.18 2.75
N MET A 116 -15.94 8.18 3.25
CA MET A 116 -16.19 8.35 4.68
C MET A 116 -16.29 7.01 5.40
N ARG A 117 -15.34 6.12 5.19
CA ARG A 117 -15.40 4.78 5.77
C ARG A 117 -14.08 4.40 6.40
N THR A 118 -13.45 5.35 7.07
CA THR A 118 -12.09 5.17 7.55
C THR A 118 -12.09 4.72 9.01
N VAL A 119 -10.88 4.62 9.57
CA VAL A 119 -10.70 4.09 10.92
C VAL A 119 -11.17 5.11 11.97
N THR A 120 -11.12 6.40 11.64
CA THR A 120 -11.52 7.44 12.59
C THR A 120 -13.02 7.40 12.87
N ASN A 121 -13.82 7.04 11.88
CA ASN A 121 -15.27 7.05 12.01
C ASN A 121 -15.83 5.79 12.66
N TYR A 122 -14.98 4.90 13.17
CA TYR A 122 -15.49 3.68 13.78
C TYR A 122 -16.11 3.94 15.14
N PHE A 123 -15.66 4.97 15.84
CA PHE A 123 -16.34 5.37 17.06
C PHE A 123 -17.67 6.02 16.75
N LEU A 124 -17.78 6.69 15.61
CA LEU A 124 -19.01 7.36 15.24
C LEU A 124 -20.11 6.40 14.84
N VAL A 125 -19.77 5.18 14.42
CA VAL A 125 -20.78 4.14 14.26
C VAL A 125 -20.95 3.28 15.51
N ASN A 126 -19.98 3.28 16.43
CA ASN A 126 -20.22 2.68 17.72
C ASN A 126 -21.19 3.50 18.54
N LEU A 127 -21.14 4.82 18.38
CA LEU A 127 -22.03 5.70 19.12
C LEU A 127 -23.41 5.72 18.50
N ALA A 128 -23.49 5.88 17.18
CA ALA A 128 -24.78 6.04 16.51
C ALA A 128 -25.55 4.73 16.43
N PHE A 129 -24.89 3.59 16.55
CA PHE A 129 -25.62 2.34 16.73
C PHE A 129 -26.10 2.20 18.17
N SER A 130 -25.25 2.57 19.13
CA SER A 130 -25.64 2.50 20.54
C SER A 130 -26.64 3.57 20.91
N ASP A 131 -26.65 4.69 20.20
CA ASP A 131 -27.73 5.66 20.38
C ASP A 131 -29.04 5.14 19.82
N ALA A 132 -28.99 4.46 18.67
CA ALA A 132 -30.19 3.89 18.08
C ALA A 132 -30.75 2.75 18.93
N SER A 133 -29.88 2.00 19.62
CA SER A 133 -30.36 1.04 20.61
C SER A 133 -30.91 1.74 21.83
N MET A 134 -30.38 2.92 22.16
CA MET A 134 -30.84 3.70 23.30
C MET A 134 -32.15 4.42 22.98
N ALA A 135 -32.51 4.53 21.71
CA ALA A 135 -33.74 5.17 21.31
C ALA A 135 -34.81 4.22 20.82
N ALA A 136 -34.45 3.00 20.43
CA ALA A 136 -35.45 2.02 20.04
C ALA A 136 -35.77 1.03 21.14
N PHE A 137 -34.77 0.55 21.87
CA PHE A 137 -35.01 -0.44 22.90
C PHE A 137 -35.19 0.18 24.28
N ASN A 138 -34.63 1.35 24.54
CA ASN A 138 -34.67 1.94 25.87
C ASN A 138 -35.81 2.93 26.06
N THR A 139 -35.83 4.01 25.28
CA THR A 139 -36.83 5.04 25.51
C THR A 139 -38.18 4.73 24.90
N LEU A 140 -38.28 3.66 24.12
CA LEU A 140 -39.59 3.27 23.58
C LEU A 140 -40.31 2.27 24.47
N VAL A 141 -39.60 1.27 25.00
CA VAL A 141 -40.24 0.29 25.87
C VAL A 141 -40.49 0.89 27.24
N ASN A 142 -39.57 1.71 27.73
CA ASN A 142 -39.76 2.35 29.02
C ASN A 142 -40.68 3.54 28.98
N PHE A 143 -41.14 3.96 27.81
CA PHE A 143 -42.19 4.96 27.78
C PHE A 143 -43.55 4.36 28.01
N ILE A 144 -43.78 3.15 27.49
CA ILE A 144 -45.05 2.46 27.72
C ILE A 144 -45.15 2.03 29.17
N TYR A 145 -44.03 1.59 29.75
CA TYR A 145 -44.00 1.22 31.15
C TYR A 145 -44.00 2.44 32.06
N ALA A 146 -43.75 3.62 31.55
CA ALA A 146 -43.83 4.77 32.42
C ALA A 146 -45.26 5.30 32.51
N LEU A 147 -45.98 5.30 31.41
CA LEU A 147 -47.38 5.70 31.39
C LEU A 147 -48.20 4.59 32.03
N HIS A 148 -48.94 4.94 33.10
CA HIS A 148 -49.90 4.11 33.85
C HIS A 148 -49.43 2.68 34.07
N SER A 149 -48.37 2.50 34.85
CA SER A 149 -47.18 1.76 34.43
C SER A 149 -47.39 0.56 33.51
N GLU A 150 -48.07 -0.50 33.97
CA GLU A 150 -48.59 -1.58 33.12
C GLU A 150 -47.51 -2.27 32.29
N TRP A 151 -46.70 -3.07 32.98
CA TRP A 151 -45.65 -3.80 32.26
C TRP A 151 -46.27 -4.85 31.36
N TYR A 152 -46.48 -4.46 30.11
CA TYR A 152 -47.25 -5.23 29.13
C TYR A 152 -46.36 -6.11 28.26
N PHE A 153 -45.16 -6.43 28.72
CA PHE A 153 -44.17 -7.12 27.90
C PHE A 153 -43.71 -8.43 28.50
N GLY A 154 -44.45 -8.98 29.44
CA GLY A 154 -44.13 -10.27 29.99
C GLY A 154 -42.99 -10.19 31.00
N ALA A 155 -42.52 -11.37 31.40
CA ALA A 155 -41.54 -11.51 32.45
C ALA A 155 -40.20 -12.00 31.93
N ASN A 156 -40.01 -12.05 30.61
CA ASN A 156 -38.73 -12.43 30.03
C ASN A 156 -38.01 -11.28 29.38
N TYR A 157 -38.75 -10.32 28.83
CA TYR A 157 -38.14 -9.13 28.25
C TYR A 157 -37.63 -8.18 29.32
N CYS A 158 -38.13 -8.29 30.56
CA CYS A 158 -37.62 -7.47 31.65
C CYS A 158 -36.21 -7.84 32.03
N ARG A 159 -35.85 -9.11 31.90
CA ARG A 159 -34.47 -9.53 32.09
C ARG A 159 -33.58 -9.01 30.97
N PHE A 160 -34.14 -8.77 29.79
CA PHE A 160 -33.42 -8.17 28.68
C PHE A 160 -33.43 -6.65 28.74
N GLN A 161 -34.52 -6.07 29.24
CA GLN A 161 -34.65 -4.61 29.33
C GLN A 161 -33.59 -4.02 30.26
N ASN A 162 -33.22 -4.74 31.30
CA ASN A 162 -32.16 -4.31 32.19
C ASN A 162 -30.79 -4.79 31.76
N PHE A 163 -30.65 -5.33 30.55
CA PHE A 163 -29.33 -5.72 30.06
C PHE A 163 -28.89 -4.91 28.85
N PHE A 164 -29.57 -5.01 27.72
CA PHE A 164 -29.11 -4.30 26.54
C PHE A 164 -29.54 -2.83 26.43
N PRO A 165 -30.77 -2.43 26.77
CA PRO A 165 -31.06 -0.99 26.81
C PRO A 165 -30.27 -0.22 27.86
N ILE A 166 -29.84 -0.87 28.94
CA ILE A 166 -29.01 -0.17 29.91
C ILE A 166 -27.55 -0.14 29.47
N THR A 167 -27.07 -1.20 28.82
CA THR A 167 -25.71 -1.18 28.31
C THR A 167 -25.56 -0.30 27.08
N ALA A 168 -26.66 0.06 26.42
CA ALA A 168 -26.58 1.05 25.37
C ALA A 168 -26.46 2.45 25.91
N VAL A 169 -26.87 2.68 27.16
CA VAL A 169 -26.63 3.96 27.81
C VAL A 169 -25.16 4.12 28.13
N PHE A 170 -24.56 3.10 28.73
CA PHE A 170 -23.16 3.21 29.13
C PHE A 170 -22.21 3.02 27.98
N ALA A 171 -22.64 2.45 26.86
CA ALA A 171 -21.79 2.41 25.68
C ALA A 171 -21.89 3.69 24.87
N SER A 172 -23.01 4.40 24.95
CA SER A 172 -23.12 5.69 24.31
C SER A 172 -22.41 6.78 25.08
N ILE A 173 -22.22 6.61 26.38
CA ILE A 173 -21.53 7.59 27.19
C ILE A 173 -20.03 7.37 27.16
N TYR A 174 -19.59 6.13 27.26
CA TYR A 174 -18.16 5.84 27.14
C TYR A 174 -17.66 5.92 25.71
N SER A 175 -18.55 6.01 24.72
CA SER A 175 -18.11 6.34 23.37
C SER A 175 -17.77 7.81 23.26
N MET A 176 -18.61 8.68 23.84
CA MET A 176 -18.36 10.11 23.82
C MET A 176 -17.11 10.49 24.60
N THR A 177 -16.76 9.73 25.63
CA THR A 177 -15.48 9.89 26.29
C THR A 177 -14.33 9.42 25.39
N ALA A 178 -14.60 8.41 24.56
CA ALA A 178 -13.56 7.91 23.66
C ALA A 178 -13.33 8.83 22.47
N ILE A 179 -14.40 9.44 21.94
CA ILE A 179 -14.24 10.44 20.90
C ILE A 179 -13.61 11.71 21.44
N ALA A 180 -13.80 12.00 22.73
CA ALA A 180 -13.21 13.20 23.32
C ALA A 180 -11.70 13.09 23.46
N VAL A 181 -11.20 11.93 23.88
CA VAL A 181 -9.75 11.76 23.94
C VAL A 181 -9.15 11.45 22.58
N ASP A 182 -9.96 11.02 21.62
CA ASP A 182 -9.45 10.86 20.26
C ASP A 182 -9.30 12.20 19.58
N ARG A 183 -10.26 13.10 19.78
CA ARG A 183 -10.15 14.45 19.26
C ARG A 183 -9.14 15.28 20.02
N TYR A 184 -8.81 14.90 21.25
CA TYR A 184 -7.76 15.59 22.00
C TYR A 184 -6.40 15.35 21.36
N MET A 185 -6.11 14.11 21.00
CA MET A 185 -4.84 13.79 20.39
C MET A 185 -4.82 14.10 18.90
N ALA A 186 -5.95 14.42 18.30
CA ALA A 186 -6.00 14.91 16.94
C ALA A 186 -5.77 16.40 16.84
N ILE A 187 -5.69 17.09 17.98
CA ILE A 187 -5.58 18.55 18.03
C ILE A 187 -4.34 18.99 18.80
N ILE A 188 -4.16 18.45 20.00
CA ILE A 188 -3.08 18.93 20.87
C ILE A 188 -1.72 18.46 20.37
N ASP A 189 -1.57 17.16 20.17
CA ASP A 189 -0.38 16.68 19.47
C ASP A 189 -0.81 16.08 18.15
N PRO A 190 -0.99 16.90 17.11
CA PRO A 190 -1.57 16.38 15.86
C PRO A 190 -0.60 15.58 15.02
N LEU A 191 0.71 15.75 15.23
CA LEU A 191 1.70 15.03 14.43
C LEU A 191 1.91 13.60 14.90
N LYS A 192 1.49 13.27 16.11
CA LYS A 192 1.56 11.90 16.57
C LYS A 192 0.51 11.07 15.83
N PRO A 193 0.86 9.86 15.39
CA PRO A 193 -0.11 9.06 14.62
C PRO A 193 -1.20 8.51 15.52
N ARG A 194 -2.40 8.43 14.95
CA ARG A 194 -3.55 8.06 15.74
C ARG A 194 -3.64 6.54 15.90
N LEU A 195 -4.70 6.11 16.60
CA LEU A 195 -4.89 4.71 16.92
C LEU A 195 -5.13 3.87 15.67
N SER A 196 -4.58 2.66 15.68
CA SER A 196 -4.65 1.79 14.52
C SER A 196 -6.02 1.13 14.44
N ALA A 197 -6.25 0.44 13.31
CA ALA A 197 -7.53 -0.20 13.06
C ALA A 197 -7.79 -1.38 13.97
N THR A 198 -6.75 -2.02 14.50
CA THR A 198 -6.93 -3.05 15.50
C THR A 198 -6.98 -2.47 16.90
N ALA A 199 -6.30 -1.34 17.12
CA ALA A 199 -6.36 -0.69 18.43
C ALA A 199 -7.66 0.05 18.65
N THR A 200 -8.35 0.47 17.59
CA THR A 200 -9.64 1.09 17.78
C THR A 200 -10.73 0.09 18.06
N LYS A 201 -10.58 -1.17 17.62
CA LYS A 201 -11.58 -2.18 17.87
C LYS A 201 -11.40 -2.85 19.22
N ILE A 202 -10.19 -2.83 19.77
CA ILE A 202 -9.96 -3.35 21.11
C ILE A 202 -10.41 -2.35 22.17
N VAL A 203 -10.74 -1.12 21.77
CA VAL A 203 -11.31 -0.14 22.68
C VAL A 203 -12.78 0.16 22.37
N ILE A 204 -13.27 -0.16 21.16
CA ILE A 204 -14.72 -0.20 20.95
C ILE A 204 -15.33 -1.31 21.77
N GLY A 205 -14.73 -2.51 21.71
CA GLY A 205 -15.25 -3.62 22.47
C GLY A 205 -15.06 -3.50 23.97
N SER A 206 -13.96 -2.87 24.38
CA SER A 206 -13.72 -2.69 25.81
C SER A 206 -14.64 -1.67 26.44
N ILE A 207 -15.27 -0.80 25.63
CA ILE A 207 -16.36 0.03 26.12
C ILE A 207 -17.55 -0.84 26.48
N TRP A 208 -17.90 -1.79 25.60
CA TRP A 208 -19.08 -2.63 25.83
C TRP A 208 -18.85 -3.63 26.97
N ILE A 209 -17.64 -4.13 27.13
CA ILE A 209 -17.34 -5.06 28.21
C ILE A 209 -17.43 -4.35 29.55
N LEU A 210 -16.92 -3.12 29.62
CA LEU A 210 -17.13 -2.30 30.80
C LEU A 210 -18.58 -1.83 30.95
N ALA A 211 -19.36 -1.91 29.89
CA ALA A 211 -20.76 -1.53 29.96
C ALA A 211 -21.69 -2.72 30.18
N PHE A 212 -21.33 -3.90 29.67
CA PHE A 212 -22.10 -5.10 29.97
C PHE A 212 -21.88 -5.56 31.42
N LEU A 213 -20.71 -5.26 31.97
CA LEU A 213 -20.42 -5.62 33.35
C LEU A 213 -21.23 -4.78 34.30
N LEU A 214 -21.56 -3.55 33.92
CA LEU A 214 -22.23 -2.65 34.84
C LEU A 214 -23.75 -2.75 34.74
N ALA A 215 -24.27 -3.08 33.56
CA ALA A 215 -25.70 -3.33 33.41
C ALA A 215 -26.12 -4.71 33.91
N PHE A 216 -25.17 -5.60 34.20
CA PHE A 216 -25.44 -6.96 34.65
C PHE A 216 -26.08 -7.10 36.03
N PRO A 217 -25.75 -6.31 37.08
CA PRO A 217 -26.50 -6.46 38.34
C PRO A 217 -27.93 -5.98 38.30
N GLN A 218 -28.41 -5.43 37.20
CA GLN A 218 -29.83 -5.17 37.03
C GLN A 218 -30.53 -6.26 36.25
N CYS A 219 -29.79 -7.04 35.45
CA CYS A 219 -30.36 -8.22 34.80
C CYS A 219 -30.54 -9.36 35.78
N LEU A 220 -29.65 -9.47 36.77
CA LEU A 220 -29.71 -10.55 37.73
C LEU A 220 -30.85 -10.37 38.73
N TYR A 221 -31.21 -9.13 39.04
CA TYR A 221 -32.18 -8.83 40.08
C TYR A 221 -33.53 -8.38 39.54
N SER A 222 -33.76 -8.48 38.23
CA SER A 222 -35.02 -8.05 37.65
C SER A 222 -36.10 -9.06 38.02
N LYS A 223 -36.81 -8.79 39.11
CA LYS A 223 -37.80 -9.71 39.66
C LYS A 223 -39.18 -9.09 39.49
N THR A 224 -39.86 -9.48 38.41
CA THR A 224 -41.21 -9.00 38.14
C THR A 224 -42.21 -9.65 39.09
N LYS A 225 -42.43 -9.03 40.24
CA LYS A 225 -43.40 -9.52 41.22
C LYS A 225 -44.67 -8.70 41.07
N VAL A 226 -45.48 -9.08 40.07
CA VAL A 226 -46.65 -8.30 39.72
C VAL A 226 -47.79 -8.57 40.72
N MET A 227 -48.61 -7.56 40.94
CA MET A 227 -49.75 -7.58 41.85
C MET A 227 -50.98 -7.99 41.05
N PRO A 228 -52.19 -8.12 41.67
CA PRO A 228 -53.41 -8.21 40.86
C PRO A 228 -53.72 -6.92 40.13
N GLY A 229 -53.00 -6.70 39.03
CA GLY A 229 -52.93 -5.43 38.37
C GLY A 229 -51.48 -5.14 38.07
N ARG A 230 -51.17 -4.67 36.87
CA ARG A 230 -49.79 -4.58 36.42
C ARG A 230 -49.09 -3.31 36.86
N THR A 231 -49.57 -2.64 37.91
CA THR A 231 -48.88 -1.49 38.45
C THR A 231 -47.67 -1.96 39.25
N LEU A 232 -46.50 -1.38 38.92
CA LEU A 232 -45.22 -1.65 39.57
C LEU A 232 -44.82 -3.13 39.44
N CYS A 233 -44.60 -3.56 38.22
CA CYS A 233 -44.20 -4.93 37.99
C CYS A 233 -42.68 -5.09 37.93
N PHE A 234 -42.02 -4.36 37.03
CA PHE A 234 -40.59 -4.59 36.76
C PHE A 234 -39.74 -3.96 37.85
N VAL A 235 -39.69 -4.63 39.00
CA VAL A 235 -38.81 -4.24 40.08
C VAL A 235 -37.37 -4.48 39.65
N GLN A 236 -36.50 -3.52 39.93
CA GLN A 236 -35.11 -3.59 39.48
C GLN A 236 -34.16 -4.02 40.59
N TRP A 237 -34.60 -4.06 41.83
CA TRP A 237 -33.73 -4.38 42.97
C TRP A 237 -34.57 -4.85 44.15
N PRO A 238 -34.76 -6.16 44.34
CA PRO A 238 -35.59 -6.66 45.45
C PRO A 238 -34.83 -7.06 46.71
N GLU A 239 -33.52 -6.81 46.80
CA GLU A 239 -32.79 -7.25 47.98
C GLU A 239 -32.92 -6.26 49.14
N GLY A 240 -32.41 -5.04 48.97
CA GLY A 240 -32.37 -4.08 50.06
C GLY A 240 -31.94 -2.70 49.60
N PRO A 241 -32.38 -1.66 50.34
CA PRO A 241 -32.12 -0.28 49.90
C PRO A 241 -30.71 0.22 50.17
N LYS A 242 -30.07 -0.31 51.21
CA LYS A 242 -28.72 0.12 51.54
C LYS A 242 -27.70 -0.37 50.51
N GLN A 243 -28.01 -1.47 49.83
CA GLN A 243 -27.19 -1.90 48.70
C GLN A 243 -27.63 -1.23 47.41
N HIS A 244 -28.87 -0.75 47.34
CA HIS A 244 -29.35 -0.09 46.14
C HIS A 244 -28.80 1.32 46.00
N PHE A 245 -28.51 1.99 47.13
CA PHE A 245 -27.87 3.30 47.09
C PHE A 245 -26.44 3.18 46.62
N THR A 246 -25.76 2.10 46.98
CA THR A 246 -24.35 1.95 46.66
C THR A 246 -24.15 1.69 45.18
N TYR A 247 -25.11 1.02 44.53
CA TYR A 247 -24.96 0.77 43.09
C TYR A 247 -25.11 2.04 42.29
N HIS A 248 -25.99 2.96 42.71
CA HIS A 248 -26.22 4.19 41.99
C HIS A 248 -25.31 5.31 42.44
N ILE A 249 -24.38 5.03 43.34
CA ILE A 249 -23.24 5.89 43.58
C ILE A 249 -22.04 5.43 42.78
N ILE A 250 -21.84 4.11 42.65
CA ILE A 250 -20.80 3.59 41.78
C ILE A 250 -21.20 3.59 40.31
N VAL A 251 -22.40 4.05 39.98
CA VAL A 251 -22.74 4.41 38.62
C VAL A 251 -22.54 5.91 38.37
N ILE A 252 -22.95 6.76 39.32
CA ILE A 252 -22.81 8.20 39.13
C ILE A 252 -21.35 8.64 39.20
N ILE A 253 -20.46 7.83 39.76
CA ILE A 253 -19.04 8.12 39.72
C ILE A 253 -18.44 7.64 38.40
N LEU A 254 -18.79 6.43 37.99
CA LEU A 254 -18.18 5.85 36.80
C LEU A 254 -18.80 6.35 35.50
N VAL A 255 -20.07 6.73 35.48
CA VAL A 255 -20.77 7.03 34.24
C VAL A 255 -21.09 8.52 34.11
N TYR A 256 -21.27 9.25 35.19
CA TYR A 256 -21.51 10.68 35.11
C TYR A 256 -20.28 11.49 35.47
N CYS A 257 -19.71 11.28 36.65
CA CYS A 257 -18.68 12.18 37.17
C CYS A 257 -17.35 11.97 36.47
N PHE A 258 -16.98 10.74 36.20
CA PHE A 258 -15.72 10.51 35.52
C PHE A 258 -15.75 10.83 34.01
N PRO A 259 -16.82 10.57 33.25
CA PRO A 259 -16.84 11.08 31.88
C PRO A 259 -16.96 12.59 31.77
N LEU A 260 -17.54 13.27 32.75
CA LEU A 260 -17.64 14.71 32.66
C LEU A 260 -16.34 15.42 32.96
N LEU A 261 -15.50 14.85 33.84
CA LEU A 261 -14.20 15.46 34.06
C LEU A 261 -13.24 15.19 32.90
N ILE A 262 -13.38 14.06 32.22
CA ILE A 262 -12.55 13.80 31.06
C ILE A 262 -12.96 14.71 29.90
N MET A 263 -14.26 14.80 29.64
CA MET A 263 -14.76 15.73 28.63
C MET A 263 -14.66 17.19 29.05
N GLY A 264 -14.33 17.49 30.30
CA GLY A 264 -14.14 18.85 30.71
C GLY A 264 -12.68 19.25 30.72
N ILE A 265 -11.79 18.28 30.78
CA ILE A 265 -10.37 18.56 30.64
C ILE A 265 -9.94 18.50 29.19
N THR A 266 -10.45 17.53 28.44
CA THR A 266 -10.06 17.39 27.04
C THR A 266 -10.65 18.51 26.18
N TYR A 267 -11.96 18.71 26.25
CA TYR A 267 -12.62 19.64 25.35
C TYR A 267 -12.39 21.10 25.72
N THR A 268 -11.81 21.41 26.88
CA THR A 268 -11.49 22.80 27.18
C THR A 268 -10.04 23.15 26.90
N ILE A 269 -9.12 22.19 26.97
CA ILE A 269 -7.79 22.42 26.43
C ILE A 269 -7.85 22.49 24.91
N VAL A 270 -8.69 21.66 24.30
CA VAL A 270 -8.95 21.75 22.88
C VAL A 270 -9.68 23.05 22.55
N GLY A 271 -10.61 23.45 23.41
CA GLY A 271 -11.32 24.70 23.19
C GLY A 271 -10.44 25.93 23.36
N ILE A 272 -9.38 25.82 24.16
CA ILE A 272 -8.41 26.90 24.26
C ILE A 272 -7.60 26.99 22.98
N THR A 273 -7.22 25.85 22.41
CA THR A 273 -6.28 25.83 21.29
C THR A 273 -6.92 26.30 20.00
N LEU A 274 -8.14 25.83 19.71
CA LEU A 274 -8.81 26.23 18.47
C LEU A 274 -9.27 27.67 18.49
N TRP A 275 -9.48 28.26 19.67
CA TRP A 275 -10.01 29.60 19.76
C TRP A 275 -8.97 30.66 19.44
N GLY A 276 -7.73 30.46 19.88
CA GLY A 276 -6.66 31.40 19.60
C GLY A 276 -5.41 31.13 20.41
N GLU A 289 -10.76 33.15 7.94
CA GLU A 289 -11.80 32.42 7.23
C GLU A 289 -11.94 31.01 7.78
N GLN A 290 -10.84 30.25 7.72
CA GLN A 290 -10.84 28.90 8.27
C GLN A 290 -10.81 28.89 9.79
N LEU A 291 -10.43 30.01 10.41
CA LEU A 291 -10.51 30.12 11.87
C LEU A 291 -11.94 30.24 12.35
N LYS A 292 -12.86 30.65 11.48
CA LYS A 292 -14.28 30.63 11.84
C LYS A 292 -14.79 29.20 11.93
N ALA A 293 -14.29 28.30 11.09
CA ALA A 293 -14.60 26.88 11.20
C ALA A 293 -13.85 26.20 12.33
N LYS A 294 -12.81 26.83 12.87
CA LYS A 294 -12.13 26.33 14.06
C LYS A 294 -12.74 26.89 15.33
N ARG A 295 -13.35 28.07 15.27
CA ARG A 295 -14.08 28.64 16.38
C ARG A 295 -15.53 28.20 16.40
N LYS A 296 -15.96 27.39 15.44
CA LYS A 296 -17.28 26.79 15.44
C LYS A 296 -17.30 25.45 16.15
N VAL A 297 -16.18 24.72 16.15
CA VAL A 297 -16.13 23.44 16.83
C VAL A 297 -16.05 23.62 18.33
N VAL A 298 -15.65 24.81 18.81
CA VAL A 298 -15.66 25.05 20.25
C VAL A 298 -17.04 25.50 20.71
N LYS A 299 -17.93 25.88 19.80
CA LYS A 299 -19.33 26.06 20.17
C LYS A 299 -20.01 24.71 20.36
N MET A 300 -19.55 23.69 19.64
CA MET A 300 -20.06 22.34 19.84
C MET A 300 -19.60 21.78 21.18
N MET A 301 -18.32 21.94 21.51
CA MET A 301 -17.77 21.38 22.73
C MET A 301 -18.25 22.09 23.97
N ILE A 302 -18.78 23.31 23.86
CA ILE A 302 -19.54 23.90 24.95
C ILE A 302 -20.90 23.23 25.06
N ILE A 303 -21.49 22.86 23.92
CA ILE A 303 -22.81 22.24 23.93
C ILE A 303 -22.72 20.79 24.42
N VAL A 304 -21.74 20.03 23.94
CA VAL A 304 -21.65 18.61 24.25
C VAL A 304 -21.35 18.38 25.73
N VAL A 305 -20.55 19.23 26.35
CA VAL A 305 -20.31 19.09 27.78
C VAL A 305 -21.50 19.58 28.59
N MET A 306 -22.10 20.71 28.22
CA MET A 306 -23.17 21.27 29.02
C MET A 306 -24.57 20.88 28.57
N THR A 307 -24.72 20.04 27.56
CA THR A 307 -25.92 19.22 27.41
C THR A 307 -25.66 17.78 27.76
N PHE A 308 -24.64 17.53 28.58
CA PHE A 308 -24.37 16.26 29.24
C PHE A 308 -24.52 16.37 30.74
N ALA A 309 -24.04 17.47 31.33
CA ALA A 309 -24.17 17.66 32.76
C ALA A 309 -25.58 18.08 33.16
N ILE A 310 -26.33 18.65 32.23
CA ILE A 310 -27.70 19.07 32.50
C ILE A 310 -28.68 17.96 32.14
N CYS A 311 -28.43 17.29 31.02
CA CYS A 311 -29.33 16.26 30.53
C CYS A 311 -29.27 14.96 31.34
N TRP A 312 -28.17 14.69 32.04
CA TRP A 312 -28.03 13.44 32.76
C TRP A 312 -28.18 13.55 34.27
N LEU A 313 -28.17 14.74 34.82
CA LEU A 313 -28.19 14.89 36.26
C LEU A 313 -29.53 14.60 36.94
N PRO A 314 -30.72 14.99 36.41
CA PRO A 314 -31.94 14.53 37.07
C PRO A 314 -32.22 13.06 36.89
N TYR A 315 -31.57 12.44 35.91
CA TYR A 315 -31.68 11.00 35.69
C TYR A 315 -31.07 10.22 36.85
N HIS A 316 -29.81 10.50 37.18
CA HIS A 316 -29.12 9.75 38.22
C HIS A 316 -29.63 10.11 39.61
N ILE A 317 -30.02 11.37 39.80
CA ILE A 317 -30.55 11.83 41.08
C ILE A 317 -31.87 11.13 41.37
N TYR A 318 -32.65 10.82 40.32
CA TYR A 318 -33.91 10.11 40.50
C TYR A 318 -33.67 8.70 41.04
N PHE A 319 -32.69 7.99 40.50
CA PHE A 319 -32.44 6.63 40.96
C PHE A 319 -31.67 6.59 42.26
N ILE A 320 -30.99 7.66 42.64
CA ILE A 320 -30.38 7.72 43.96
C ILE A 320 -31.44 8.01 45.01
N LEU A 321 -32.29 9.01 44.76
CA LEU A 321 -33.29 9.42 45.73
C LEU A 321 -34.45 8.43 45.86
N THR A 322 -34.55 7.45 44.98
CA THR A 322 -35.53 6.38 45.09
C THR A 322 -34.95 5.15 45.78
N ALA A 323 -33.65 4.89 45.56
CA ALA A 323 -32.99 3.72 46.14
C ALA A 323 -32.96 3.78 47.66
N ILE A 324 -32.44 4.88 48.23
CA ILE A 324 -32.39 4.98 49.68
C ILE A 324 -33.74 5.37 50.26
N TYR A 325 -34.45 6.28 49.60
CA TYR A 325 -35.77 6.70 50.04
C TYR A 325 -36.78 5.96 49.17
N GLN A 326 -37.17 4.77 49.61
CA GLN A 326 -38.15 3.97 48.89
C GLN A 326 -39.56 4.54 49.06
N GLN A 327 -39.76 5.41 50.04
CA GLN A 327 -41.06 6.05 50.23
C GLN A 327 -41.34 7.12 49.21
N LEU A 328 -40.38 7.49 48.38
CA LEU A 328 -40.63 8.43 47.29
C LEU A 328 -41.24 7.76 46.06
N ASN A 329 -41.29 6.44 46.03
CA ASN A 329 -41.93 5.75 44.91
C ASN A 329 -43.43 5.94 44.93
N ARG A 330 -44.03 5.97 46.12
CA ARG A 330 -45.47 6.07 46.25
C ARG A 330 -45.96 7.50 46.27
N TRP A 331 -45.17 8.45 45.76
CA TRP A 331 -45.51 9.86 45.88
C TRP A 331 -46.63 10.29 44.93
N LYS A 332 -46.89 9.50 43.88
CA LYS A 332 -47.94 9.64 42.87
C LYS A 332 -47.76 10.84 41.95
N TYR A 333 -46.73 11.67 42.17
CA TYR A 333 -46.22 12.56 41.14
C TYR A 333 -44.82 12.15 40.73
N ILE A 334 -44.37 10.98 41.17
CA ILE A 334 -43.08 10.44 40.75
C ILE A 334 -43.10 9.98 39.31
N GLN A 335 -44.28 9.82 38.71
CA GLN A 335 -44.36 9.47 37.31
C GLN A 335 -43.96 10.65 36.43
N GLN A 336 -44.28 11.86 36.85
CA GLN A 336 -43.95 13.04 36.06
C GLN A 336 -42.46 13.37 36.15
N VAL A 337 -41.89 13.31 37.36
CA VAL A 337 -40.50 13.67 37.53
C VAL A 337 -39.58 12.58 37.00
N TYR A 338 -40.08 11.35 36.84
CA TYR A 338 -39.28 10.33 36.17
C TYR A 338 -39.25 10.59 34.68
N LEU A 339 -40.40 10.91 34.10
CA LEU A 339 -40.49 11.11 32.66
C LEU A 339 -39.76 12.36 32.19
N ALA A 340 -39.67 13.39 33.03
CA ALA A 340 -38.89 14.56 32.64
C ALA A 340 -37.41 14.30 32.80
N SER A 341 -37.04 13.48 33.78
CA SER A 341 -35.64 13.09 33.94
C SER A 341 -35.20 12.12 32.87
N PHE A 342 -36.11 11.26 32.41
CA PHE A 342 -35.76 10.29 31.38
C PHE A 342 -35.80 10.89 29.99
N TRP A 343 -36.60 11.93 29.77
CA TRP A 343 -36.62 12.58 28.46
C TRP A 343 -35.32 13.33 28.20
N LEU A 344 -34.78 13.96 29.24
CA LEU A 344 -33.56 14.74 29.09
C LEU A 344 -32.37 13.85 28.78
N ALA A 345 -32.30 12.69 29.43
CA ALA A 345 -31.21 11.76 29.18
C ALA A 345 -31.32 11.14 27.81
N MET A 346 -32.53 10.95 27.31
CA MET A 346 -32.71 10.41 25.97
C MET A 346 -32.84 11.50 24.93
N SER A 347 -32.87 12.77 25.33
CA SER A 347 -32.70 13.86 24.38
C SER A 347 -31.27 13.93 23.87
N SER A 348 -30.32 13.32 24.57
CA SER A 348 -28.93 13.23 24.18
C SER A 348 -28.71 12.27 23.03
N THR A 349 -29.73 11.54 22.62
CA THR A 349 -29.61 10.60 21.52
C THR A 349 -29.55 11.33 20.19
N MET A 350 -30.38 12.35 20.01
CA MET A 350 -30.55 13.03 18.74
C MET A 350 -29.47 14.06 18.44
N TYR A 351 -28.50 14.24 19.33
CA TYR A 351 -27.62 15.39 19.22
C TYR A 351 -26.52 15.21 18.20
N ASN A 352 -25.93 14.03 18.14
CA ASN A 352 -24.82 13.76 17.24
C ASN A 352 -25.17 13.79 15.74
N PRO A 353 -26.36 13.35 15.27
CA PRO A 353 -26.71 13.67 13.87
C PRO A 353 -26.89 15.15 13.59
N ILE A 354 -27.39 15.92 14.56
CA ILE A 354 -27.53 17.36 14.36
C ILE A 354 -26.16 18.03 14.37
N ILE A 355 -25.26 17.55 15.23
CA ILE A 355 -23.95 18.17 15.38
C ILE A 355 -23.08 17.90 14.15
N TYR A 356 -23.11 16.68 13.63
CA TYR A 356 -22.26 16.34 12.51
C TYR A 356 -22.74 16.98 11.20
N CYS A 357 -23.98 17.42 11.14
CA CYS A 357 -24.49 18.12 9.97
C CYS A 357 -24.36 19.64 10.07
N CYS A 358 -24.49 20.20 11.27
CA CYS A 358 -24.28 21.64 11.42
C CYS A 358 -22.81 22.02 11.28
N LEU A 359 -21.90 21.06 11.47
CA LEU A 359 -20.48 21.29 11.29
C LEU A 359 -20.01 20.91 9.89
N ASN A 360 -20.22 19.66 9.50
CA ASN A 360 -19.57 19.13 8.32
C ASN A 360 -20.47 19.26 7.10
N LYS A 361 -19.84 19.46 5.94
CA LYS A 361 -20.55 19.54 4.68
C LYS A 361 -20.74 18.20 4.00
N ARG A 362 -19.89 17.22 4.31
CA ARG A 362 -20.08 15.88 3.76
C ARG A 362 -21.24 15.15 4.40
N PHE A 363 -21.65 15.57 5.60
CA PHE A 363 -22.81 14.99 6.25
C PHE A 363 -24.11 15.71 5.90
N ARG A 364 -24.01 16.98 5.50
CA ARG A 364 -25.18 17.70 5.00
C ARG A 364 -25.65 17.13 3.67
N ALA A 365 -24.70 16.80 2.80
CA ALA A 365 -25.05 16.18 1.52
C ALA A 365 -25.54 14.76 1.71
N GLY A 366 -25.11 14.10 2.79
CA GLY A 366 -25.61 12.77 3.08
C GLY A 366 -27.01 12.74 3.61
N PHE A 367 -27.54 13.87 4.09
CA PHE A 367 -28.93 13.93 4.51
C PHE A 367 -29.84 14.46 3.42
N LYS A 368 -29.32 15.31 2.53
CA LYS A 368 -30.06 15.67 1.32
C LYS A 368 -30.24 14.47 0.40
N ARG A 369 -29.28 13.56 0.41
CA ARG A 369 -29.43 12.31 -0.32
C ARG A 369 -30.09 11.26 0.56
N GLU B 14 19.54 30.29 -44.24
CA GLU B 14 19.49 29.07 -45.03
C GLU B 14 18.83 27.93 -44.26
N LEU B 15 18.08 28.29 -43.22
CA LEU B 15 17.38 27.28 -42.44
C LEU B 15 16.04 26.90 -43.08
N ASP B 16 15.41 27.85 -43.79
CA ASP B 16 14.15 27.56 -44.44
C ASP B 16 14.32 26.66 -45.65
N GLN B 17 15.52 26.64 -46.23
CA GLN B 17 15.81 25.68 -47.31
C GLN B 17 15.82 24.25 -46.80
N LEU B 18 16.12 24.06 -45.52
CA LEU B 18 15.98 22.77 -44.87
C LEU B 18 14.70 22.67 -44.05
N ARG B 19 13.94 23.77 -43.90
CA ARG B 19 12.66 23.70 -43.23
C ARG B 19 11.50 23.53 -44.21
N GLN B 20 11.61 24.08 -45.42
CA GLN B 20 10.58 23.83 -46.43
C GLN B 20 10.76 22.47 -47.08
N GLU B 21 11.98 21.95 -47.11
CA GLU B 21 12.21 20.58 -47.54
C GLU B 21 11.83 19.57 -46.47
N ALA B 22 11.77 20.00 -45.21
CA ALA B 22 11.30 19.13 -44.15
C ALA B 22 9.79 19.01 -44.18
N GLU B 23 9.09 20.08 -44.54
CA GLU B 23 7.64 20.01 -44.66
C GLU B 23 7.20 19.33 -45.94
N GLN B 24 8.07 19.30 -46.96
CA GLN B 24 7.74 18.62 -48.20
C GLN B 24 7.80 17.11 -48.02
N LEU B 25 8.81 16.63 -47.29
CA LEU B 25 8.88 15.21 -46.94
C LEU B 25 7.84 14.84 -45.89
N LYS B 26 7.36 15.80 -45.11
CA LYS B 26 6.34 15.50 -44.12
C LYS B 26 4.97 15.30 -44.77
N ASN B 27 4.72 15.93 -45.92
CA ASN B 27 3.52 15.66 -46.68
C ASN B 27 3.69 14.50 -47.66
N GLN B 28 4.91 14.26 -48.13
CA GLN B 28 5.18 13.07 -48.94
C GLN B 28 5.06 11.80 -48.12
N ILE B 29 5.29 11.88 -46.81
CA ILE B 29 4.94 10.79 -45.91
C ILE B 29 3.42 10.65 -45.84
N ARG B 30 2.72 11.78 -45.82
CA ARG B 30 1.27 11.77 -45.60
C ARG B 30 0.51 11.27 -46.83
N ASP B 31 0.97 11.62 -48.03
CA ASP B 31 0.30 11.09 -49.21
C ASP B 31 0.68 9.64 -49.49
N ALA B 32 1.80 9.17 -48.93
CA ALA B 32 2.14 7.76 -49.03
C ALA B 32 1.35 6.90 -48.04
N ARG B 33 0.78 7.51 -47.01
CA ARG B 33 -0.07 6.81 -46.06
C ARG B 33 -1.53 6.83 -46.46
N LYS B 34 -2.00 7.91 -47.09
CA LYS B 34 -3.38 7.97 -47.54
C LYS B 34 -3.61 7.08 -48.75
N ALA B 35 -2.56 6.80 -49.52
CA ALA B 35 -2.67 5.83 -50.60
C ALA B 35 -2.87 4.41 -50.07
N CYS B 36 -2.31 4.11 -48.90
CA CYS B 36 -2.49 2.80 -48.28
C CYS B 36 -3.76 2.69 -47.47
N ALA B 37 -4.35 3.82 -47.05
CA ALA B 37 -5.58 3.80 -46.27
C ALA B 37 -6.75 3.52 -47.21
N ASP B 38 -6.94 2.24 -47.52
CA ASP B 38 -7.96 1.81 -48.46
C ASP B 38 -9.20 1.25 -47.79
N ALA B 39 -9.07 0.68 -46.60
CA ALA B 39 -10.21 0.15 -45.87
C ALA B 39 -9.96 0.30 -44.39
N THR B 40 -10.92 0.88 -43.69
CA THR B 40 -10.86 1.01 -42.24
C THR B 40 -10.95 -0.36 -41.60
N LEU B 41 -10.25 -0.53 -40.47
CA LEU B 41 -10.38 -1.76 -39.68
C LEU B 41 -11.79 -1.89 -39.11
N SER B 42 -12.51 -0.78 -38.93
CA SER B 42 -13.91 -0.85 -38.56
C SER B 42 -14.79 -1.35 -39.71
N GLN B 43 -14.28 -1.39 -40.94
CA GLN B 43 -15.02 -1.96 -42.07
C GLN B 43 -14.73 -3.44 -42.25
N ILE B 44 -13.48 -3.87 -42.05
CA ILE B 44 -13.16 -5.29 -42.13
C ILE B 44 -13.71 -6.05 -40.93
N THR B 45 -13.96 -5.35 -39.83
CA THR B 45 -14.46 -5.96 -38.60
C THR B 45 -15.85 -5.46 -38.27
N ASN B 46 -16.73 -5.45 -39.26
CA ASN B 46 -18.14 -5.23 -38.97
C ASN B 46 -18.88 -6.56 -38.87
N ASN B 47 -18.46 -7.54 -39.65
CA ASN B 47 -19.08 -8.86 -39.70
C ASN B 47 -18.46 -9.85 -38.72
N ILE B 48 -17.31 -9.52 -38.15
CA ILE B 48 -16.74 -10.33 -37.07
C ILE B 48 -17.60 -10.17 -35.83
N ASP B 49 -17.88 -11.28 -35.16
CA ASP B 49 -18.73 -11.29 -33.99
C ASP B 49 -18.10 -10.51 -32.84
N PRO B 50 -18.89 -9.89 -31.99
CA PRO B 50 -18.34 -9.24 -30.80
C PRO B 50 -17.85 -10.21 -29.74
N VAL B 51 -17.33 -9.67 -28.66
CA VAL B 51 -16.74 -10.47 -27.59
C VAL B 51 -17.77 -10.83 -26.53
N GLY B 52 -18.56 -9.88 -26.09
CA GLY B 52 -19.47 -10.06 -24.98
C GLY B 52 -18.98 -9.33 -23.75
N ARG B 53 -19.82 -9.35 -22.73
CA ARG B 53 -19.48 -8.70 -21.47
C ARG B 53 -18.45 -9.55 -20.74
N ILE B 54 -17.18 -9.16 -20.87
CA ILE B 54 -16.12 -9.79 -20.08
C ILE B 54 -16.30 -9.32 -18.64
N GLN B 55 -16.74 -10.20 -17.78
CA GLN B 55 -16.95 -9.88 -16.38
C GLN B 55 -15.89 -10.60 -15.57
N MET B 56 -14.83 -9.87 -15.24
CA MET B 56 -13.77 -10.43 -14.41
C MET B 56 -14.09 -10.20 -12.95
N ARG B 57 -13.41 -10.95 -12.10
CA ARG B 57 -13.59 -10.87 -10.66
C ARG B 57 -12.22 -10.76 -10.01
N THR B 58 -12.16 -10.00 -8.93
CA THR B 58 -10.93 -9.89 -8.15
C THR B 58 -10.68 -11.21 -7.44
N ARG B 59 -9.62 -11.90 -7.85
CA ARG B 59 -9.28 -13.18 -7.27
C ARG B 59 -8.37 -13.03 -6.06
N ARG B 60 -7.25 -12.34 -6.22
CA ARG B 60 -6.37 -12.02 -5.11
C ARG B 60 -6.33 -10.52 -4.91
N THR B 61 -5.95 -10.11 -3.71
CA THR B 61 -5.65 -8.72 -3.42
C THR B 61 -4.35 -8.71 -2.62
N LEU B 62 -3.36 -7.98 -3.13
CA LEU B 62 -2.00 -8.02 -2.59
C LEU B 62 -1.79 -6.80 -1.71
N ARG B 63 -1.83 -7.00 -0.41
CA ARG B 63 -1.71 -5.95 0.58
C ARG B 63 -0.34 -5.99 1.23
N GLY B 64 0.21 -4.82 1.53
CA GLY B 64 1.49 -4.75 2.19
C GLY B 64 2.34 -3.57 1.78
N HIS B 65 2.04 -2.98 0.63
CA HIS B 65 2.70 -1.75 0.24
C HIS B 65 2.17 -0.61 1.07
N LEU B 66 3.02 0.40 1.30
CA LEU B 66 2.68 1.53 2.15
C LEU B 66 2.12 2.69 1.34
N ALA B 67 2.88 3.18 0.38
CA ALA B 67 2.50 4.29 -0.46
C ALA B 67 1.86 3.80 -1.75
N LYS B 68 1.74 4.71 -2.71
CA LYS B 68 1.13 4.40 -4.00
C LYS B 68 2.06 3.54 -4.84
N ILE B 69 1.47 2.57 -5.54
CA ILE B 69 2.19 1.70 -6.45
C ILE B 69 2.30 2.38 -7.79
N TYR B 70 3.50 2.46 -8.35
CA TYR B 70 3.64 3.06 -9.66
C TYR B 70 3.95 2.08 -10.77
N ALA B 71 4.49 0.90 -10.47
CA ALA B 71 4.83 -0.04 -11.52
C ALA B 71 4.81 -1.46 -10.98
N MET B 72 4.31 -2.38 -11.79
CA MET B 72 4.49 -3.80 -11.55
C MET B 72 5.01 -4.46 -12.81
N HIS B 73 5.46 -5.70 -12.66
CA HIS B 73 5.81 -6.52 -13.81
C HIS B 73 5.65 -7.99 -13.43
N TRP B 74 5.04 -8.75 -14.31
CA TRP B 74 4.95 -10.19 -14.15
C TRP B 74 6.26 -10.85 -14.54
N GLY B 75 6.47 -12.04 -14.02
CA GLY B 75 7.55 -12.88 -14.49
C GLY B 75 7.06 -13.82 -15.56
N THR B 76 8.01 -14.44 -16.27
CA THR B 76 7.65 -15.32 -17.36
C THR B 76 7.09 -16.66 -16.89
N ASP B 77 7.23 -16.99 -15.62
CA ASP B 77 6.56 -18.16 -15.07
C ASP B 77 5.10 -17.91 -14.76
N SER B 78 4.64 -16.66 -14.87
CA SER B 78 3.27 -16.22 -14.67
C SER B 78 2.78 -16.49 -13.25
N ARG B 79 3.68 -16.54 -12.30
CA ARG B 79 3.34 -16.75 -10.90
C ARG B 79 3.95 -15.71 -9.98
N LEU B 80 5.16 -15.27 -10.25
CA LEU B 80 5.79 -14.26 -9.44
C LEU B 80 5.59 -12.90 -10.09
N LEU B 81 5.47 -11.87 -9.25
CA LEU B 81 5.41 -10.51 -9.76
C LEU B 81 6.07 -9.59 -8.76
N VAL B 82 6.72 -8.55 -9.27
CA VAL B 82 7.36 -7.54 -8.46
C VAL B 82 6.54 -6.26 -8.58
N SER B 83 6.47 -5.51 -7.50
CA SER B 83 5.69 -4.28 -7.49
C SER B 83 6.47 -3.17 -6.83
N ALA B 84 6.44 -1.98 -7.42
CA ALA B 84 7.21 -0.84 -6.98
C ALA B 84 6.29 0.20 -6.35
N SER B 85 6.63 0.65 -5.15
CA SER B 85 5.85 1.64 -4.44
C SER B 85 6.75 2.77 -3.97
N GLN B 86 6.19 3.96 -3.86
CA GLN B 86 6.96 5.13 -3.47
C GLN B 86 7.13 5.28 -1.97
N ASP B 87 6.94 4.23 -1.19
CA ASP B 87 7.53 4.19 0.14
C ASP B 87 9.00 3.82 0.06
N GLY B 88 9.42 3.19 -1.04
CA GLY B 88 10.81 2.96 -1.30
C GLY B 88 11.22 1.50 -1.28
N LYS B 89 10.33 0.60 -1.65
CA LYS B 89 10.71 -0.81 -1.69
C LYS B 89 9.89 -1.59 -2.69
N LEU B 90 10.50 -2.67 -3.18
CA LEU B 90 9.88 -3.67 -4.03
C LEU B 90 9.43 -4.83 -3.18
N ILE B 91 8.39 -5.53 -3.64
CA ILE B 91 7.92 -6.76 -3.02
C ILE B 91 7.68 -7.76 -4.14
N ILE B 92 8.34 -8.90 -4.08
CA ILE B 92 8.09 -9.97 -5.02
C ILE B 92 6.99 -10.85 -4.43
N TRP B 93 5.85 -10.88 -5.10
CA TRP B 93 4.68 -11.60 -4.62
C TRP B 93 4.58 -12.97 -5.26
N ASP B 94 4.03 -13.90 -4.50
CA ASP B 94 3.59 -15.17 -5.04
C ASP B 94 2.09 -15.08 -5.25
N SER B 95 1.68 -15.05 -6.53
CA SER B 95 0.31 -14.70 -6.87
C SER B 95 -0.71 -15.77 -6.49
N TYR B 96 -0.28 -17.04 -6.42
CA TYR B 96 -1.22 -18.10 -6.08
C TYR B 96 -1.44 -18.21 -4.58
N THR B 97 -0.59 -17.57 -3.79
CA THR B 97 -0.60 -17.72 -2.35
C THR B 97 -0.79 -16.38 -1.63
N THR B 98 -0.62 -15.25 -2.33
CA THR B 98 -0.48 -13.91 -1.76
C THR B 98 0.62 -13.86 -0.71
N ASN B 99 1.72 -14.54 -1.00
CA ASN B 99 2.90 -14.53 -0.14
C ASN B 99 3.84 -13.42 -0.58
N LYS B 100 4.83 -13.15 0.25
CA LYS B 100 5.88 -12.20 -0.05
C LYS B 100 7.18 -12.96 -0.10
N VAL B 101 7.70 -13.17 -1.31
CA VAL B 101 8.96 -13.89 -1.47
C VAL B 101 10.12 -13.02 -1.02
N HIS B 102 10.14 -11.76 -1.44
CA HIS B 102 11.18 -10.83 -1.08
C HIS B 102 10.56 -9.47 -0.80
N ALA B 103 11.27 -8.67 -0.03
CA ALA B 103 10.94 -7.26 0.18
C ALA B 103 12.25 -6.50 0.15
N ILE B 104 12.51 -5.79 -0.95
CA ILE B 104 13.82 -5.20 -1.23
C ILE B 104 13.73 -3.70 -0.98
N PRO B 105 14.32 -3.19 0.10
CA PRO B 105 14.34 -1.74 0.29
C PRO B 105 15.28 -1.06 -0.68
N LEU B 106 14.83 0.06 -1.23
CA LEU B 106 15.58 0.78 -2.24
C LEU B 106 16.33 1.94 -1.63
N ARG B 107 17.28 2.48 -2.39
CA ARG B 107 17.99 3.67 -1.97
C ARG B 107 17.11 4.91 -2.11
N SER B 108 16.48 5.08 -3.26
CA SER B 108 15.53 6.15 -3.46
C SER B 108 14.13 5.71 -3.09
N SER B 109 13.26 6.68 -2.86
CA SER B 109 11.88 6.42 -2.48
C SER B 109 10.91 6.88 -3.55
N TRP B 110 11.40 7.16 -4.75
CA TRP B 110 10.61 7.74 -5.83
C TRP B 110 10.71 6.88 -7.06
N VAL B 111 10.53 5.57 -6.86
CA VAL B 111 10.62 4.63 -7.95
C VAL B 111 9.39 4.74 -8.84
N MET B 112 9.63 4.79 -10.15
CA MET B 112 8.57 4.95 -11.13
C MET B 112 8.50 3.81 -12.13
N THR B 113 9.46 2.90 -12.13
CA THR B 113 9.48 1.80 -13.08
C THR B 113 9.93 0.53 -12.37
N CYS B 114 9.58 -0.60 -12.96
CA CYS B 114 9.90 -1.90 -12.40
C CYS B 114 9.97 -2.91 -13.53
N ALA B 115 10.87 -3.86 -13.41
CA ALA B 115 11.06 -4.84 -14.46
C ALA B 115 11.61 -6.13 -13.90
N TYR B 116 10.87 -7.21 -14.08
CA TYR B 116 11.31 -8.55 -13.74
C TYR B 116 12.07 -9.10 -14.94
N ALA B 117 13.26 -9.62 -14.70
CA ALA B 117 14.05 -10.17 -15.79
C ALA B 117 13.44 -11.46 -16.30
N PRO B 118 13.49 -11.74 -17.60
CA PRO B 118 12.82 -12.93 -18.12
C PRO B 118 13.45 -14.24 -17.71
N SER B 119 14.73 -14.24 -17.31
CA SER B 119 15.32 -15.43 -16.71
C SER B 119 14.76 -15.68 -15.32
N GLY B 120 14.52 -14.61 -14.57
CA GLY B 120 14.01 -14.71 -13.22
C GLY B 120 15.03 -14.34 -12.16
N ASN B 121 16.29 -14.16 -12.53
CA ASN B 121 17.33 -13.95 -11.54
C ASN B 121 17.42 -12.51 -11.11
N TYR B 122 17.06 -11.57 -11.98
CA TYR B 122 17.30 -10.16 -11.73
C TYR B 122 15.99 -9.39 -11.69
N VAL B 123 16.04 -8.20 -11.10
CA VAL B 123 14.91 -7.29 -11.07
C VAL B 123 15.47 -5.88 -11.08
N ALA B 124 14.73 -4.95 -11.68
CA ALA B 124 15.19 -3.59 -11.87
C ALA B 124 14.18 -2.60 -11.34
N CYS B 125 14.67 -1.41 -11.01
CA CYS B 125 13.82 -0.31 -10.61
C CYS B 125 14.52 0.99 -10.96
N GLY B 126 13.76 2.07 -10.98
CA GLY B 126 14.33 3.37 -11.25
C GLY B 126 13.28 4.44 -11.05
N GLY B 127 13.73 5.67 -11.06
CA GLY B 127 12.83 6.78 -10.84
C GLY B 127 13.47 8.14 -10.95
N LEU B 128 13.16 9.00 -9.99
CA LEU B 128 13.68 10.35 -9.95
C LEU B 128 15.13 10.43 -9.52
N ASP B 129 15.74 9.32 -9.13
CA ASP B 129 17.17 9.28 -8.86
C ASP B 129 18.01 9.23 -10.13
N ASN B 130 17.36 9.02 -11.29
CA ASN B 130 17.96 8.87 -12.61
C ASN B 130 18.90 7.66 -12.70
N ILE B 131 18.70 6.65 -11.87
CA ILE B 131 19.52 5.44 -11.88
C ILE B 131 18.60 4.24 -12.12
N CYS B 132 19.07 3.31 -12.93
CA CYS B 132 18.46 1.99 -13.03
C CYS B 132 19.26 1.03 -12.15
N SER B 133 18.62 0.48 -11.13
CA SER B 133 19.29 -0.36 -10.15
C SER B 133 18.87 -1.81 -10.35
N ILE B 134 19.82 -2.64 -10.75
CA ILE B 134 19.58 -4.07 -10.97
C ILE B 134 19.84 -4.79 -9.67
N TYR B 135 19.01 -5.78 -9.35
CA TYR B 135 19.08 -6.51 -8.09
C TYR B 135 19.23 -8.00 -8.37
N ASN B 136 20.22 -8.62 -7.74
CA ASN B 136 20.43 -10.05 -7.85
C ASN B 136 19.59 -10.77 -6.80
N LEU B 137 18.69 -11.64 -7.24
CA LEU B 137 17.84 -12.39 -6.32
C LEU B 137 18.36 -13.79 -6.03
N LYS B 138 19.35 -14.26 -6.77
CA LYS B 138 19.85 -15.63 -6.67
C LYS B 138 21.23 -15.68 -6.04
N THR B 139 21.44 -14.87 -5.00
CA THR B 139 22.72 -14.85 -4.32
C THR B 139 22.90 -16.08 -3.45
N ARG B 140 24.15 -16.50 -3.29
CA ARG B 140 24.50 -17.59 -2.39
C ARG B 140 24.50 -17.16 -0.93
N ASP B 141 24.33 -15.87 -0.66
CA ASP B 141 24.31 -15.34 0.69
C ASP B 141 22.92 -15.30 1.28
N GLY B 142 21.88 -15.39 0.46
CA GLY B 142 20.52 -15.48 0.92
C GLY B 142 19.75 -14.17 0.90
N ASP B 143 20.42 -13.04 0.73
CA ASP B 143 19.78 -11.75 0.69
C ASP B 143 19.85 -11.17 -0.72
N VAL B 144 18.91 -10.30 -1.02
CA VAL B 144 18.91 -9.60 -2.31
C VAL B 144 19.89 -8.45 -2.25
N ARG B 145 20.81 -8.40 -3.20
CA ARG B 145 21.83 -7.37 -3.26
C ARG B 145 21.75 -6.65 -4.59
N VAL B 146 22.24 -5.42 -4.60
CA VAL B 146 22.28 -4.61 -5.82
C VAL B 146 23.42 -5.10 -6.70
N SER B 147 23.09 -5.52 -7.91
CA SER B 147 24.11 -6.05 -8.81
C SER B 147 24.83 -4.94 -9.55
N ARG B 148 24.08 -3.99 -10.10
CA ARG B 148 24.64 -2.89 -10.87
C ARG B 148 23.76 -1.68 -10.66
N GLU B 149 24.37 -0.51 -10.72
CA GLU B 149 23.70 0.76 -10.43
C GLU B 149 23.95 1.66 -11.63
N LEU B 150 23.05 1.60 -12.62
CA LEU B 150 23.31 2.13 -13.96
C LEU B 150 23.01 3.62 -14.00
N ALA B 151 24.05 4.44 -14.04
CA ALA B 151 23.92 5.88 -14.08
C ALA B 151 24.30 6.40 -15.46
N GLY B 152 23.75 7.54 -15.82
CA GLY B 152 24.04 8.12 -17.11
C GLY B 152 22.91 8.84 -17.79
N HIS B 153 21.70 8.76 -17.23
CA HIS B 153 20.59 9.54 -17.72
C HIS B 153 20.54 10.88 -17.01
N THR B 154 20.14 11.92 -17.74
CA THR B 154 19.96 13.23 -17.13
C THR B 154 18.64 13.28 -16.37
N GLY B 155 17.54 13.14 -17.09
CA GLY B 155 16.22 13.20 -16.49
C GLY B 155 15.82 11.93 -15.77
N TYR B 156 14.59 11.94 -15.29
CA TYR B 156 14.05 10.84 -14.50
C TYR B 156 13.83 9.61 -15.35
N LEU B 157 13.99 8.44 -14.73
CA LEU B 157 13.73 7.17 -15.38
C LEU B 157 12.24 6.88 -15.41
N SER B 158 11.72 6.55 -16.60
CA SER B 158 10.30 6.26 -16.78
C SER B 158 10.01 4.79 -16.96
N CYS B 159 10.79 4.08 -17.76
CA CYS B 159 10.54 2.68 -18.01
C CYS B 159 11.85 1.97 -18.29
N CYS B 160 12.01 0.80 -17.71
CA CYS B 160 13.12 -0.09 -17.99
C CYS B 160 12.56 -1.45 -18.38
N ARG B 161 13.19 -2.08 -19.37
CA ARG B 161 12.75 -3.39 -19.84
C ARG B 161 13.97 -4.25 -20.15
N PHE B 162 14.04 -5.41 -19.52
CA PHE B 162 15.10 -6.37 -19.77
C PHE B 162 14.90 -7.06 -21.12
N LEU B 163 16.00 -7.31 -21.82
CA LEU B 163 16.02 -8.16 -22.99
C LEU B 163 16.59 -9.52 -22.69
N ASP B 164 17.76 -9.57 -22.08
CA ASP B 164 18.31 -10.77 -21.48
C ASP B 164 18.94 -10.36 -20.15
N ASP B 165 19.77 -11.22 -19.58
CA ASP B 165 20.35 -10.92 -18.27
C ASP B 165 21.44 -9.87 -18.31
N ASN B 166 21.92 -9.49 -19.50
CA ASN B 166 23.04 -8.56 -19.62
C ASN B 166 22.71 -7.33 -20.43
N GLN B 167 21.47 -7.15 -20.86
CA GLN B 167 21.07 -5.96 -21.58
C GLN B 167 19.74 -5.45 -21.06
N ILE B 168 19.59 -4.12 -21.02
CA ILE B 168 18.36 -3.49 -20.60
C ILE B 168 18.17 -2.23 -21.45
N VAL B 169 16.92 -1.86 -21.66
CA VAL B 169 16.58 -0.63 -22.37
C VAL B 169 15.86 0.27 -21.39
N THR B 170 16.37 1.48 -21.21
CA THR B 170 15.87 2.41 -20.21
C THR B 170 15.30 3.64 -20.90
N SER B 171 14.03 3.91 -20.67
CA SER B 171 13.40 5.15 -21.08
C SER B 171 13.57 6.19 -19.99
N SER B 172 13.84 7.43 -20.40
CA SER B 172 14.01 8.49 -19.44
C SER B 172 13.36 9.77 -19.93
N GLY B 173 13.31 10.75 -19.03
CA GLY B 173 12.70 12.02 -19.32
C GLY B 173 13.66 13.08 -19.78
N ASP B 174 14.85 12.67 -20.22
CA ASP B 174 15.75 13.56 -20.94
C ASP B 174 15.64 13.38 -22.44
N THR B 175 14.45 13.01 -22.90
CA THR B 175 14.08 12.76 -24.30
C THR B 175 14.90 11.65 -24.95
N THR B 176 15.48 10.74 -24.18
CA THR B 176 16.33 9.69 -24.74
C THR B 176 15.98 8.33 -24.15
N CYS B 177 16.16 7.31 -24.97
CA CYS B 177 16.20 5.93 -24.54
C CYS B 177 17.62 5.41 -24.71
N ALA B 178 17.97 4.38 -23.95
CA ALA B 178 19.34 3.92 -23.94
C ALA B 178 19.39 2.42 -23.69
N LEU B 179 20.21 1.73 -24.48
CA LEU B 179 20.45 0.31 -24.33
C LEU B 179 21.75 0.13 -23.55
N TRP B 180 21.69 -0.62 -22.46
CA TRP B 180 22.81 -0.71 -21.53
C TRP B 180 23.49 -2.07 -21.63
N ASP B 181 24.45 -2.28 -20.73
CA ASP B 181 25.15 -3.55 -20.58
C ASP B 181 25.41 -3.70 -19.08
N ILE B 182 24.79 -4.71 -18.47
CA ILE B 182 24.77 -4.79 -17.01
C ILE B 182 26.13 -5.18 -16.47
N GLU B 183 26.92 -5.95 -17.23
CA GLU B 183 28.25 -6.32 -16.78
C GLU B 183 29.19 -5.14 -16.79
N THR B 184 29.26 -4.43 -17.93
CA THR B 184 30.15 -3.27 -18.03
C THR B 184 29.63 -2.10 -17.21
N GLY B 185 28.37 -1.74 -17.40
CA GLY B 185 27.78 -0.64 -16.70
C GLY B 185 27.62 0.62 -17.51
N GLN B 186 27.81 0.57 -18.82
CA GLN B 186 27.77 1.75 -19.65
C GLN B 186 26.78 1.55 -20.78
N GLN B 187 26.55 2.62 -21.53
CA GLN B 187 25.58 2.61 -22.59
C GLN B 187 26.15 2.00 -23.86
N THR B 188 25.46 1.01 -24.39
CA THR B 188 25.81 0.47 -25.70
C THR B 188 25.37 1.42 -26.81
N THR B 189 24.10 1.82 -26.80
CA THR B 189 23.61 2.78 -27.77
C THR B 189 22.53 3.64 -27.15
N THR B 190 22.43 4.86 -27.64
CA THR B 190 21.47 5.85 -27.16
C THR B 190 20.55 6.22 -28.32
N PHE B 191 19.27 6.43 -28.01
CA PHE B 191 18.25 6.68 -29.01
C PHE B 191 17.74 8.11 -28.82
N THR B 192 18.01 8.97 -29.79
CA THR B 192 17.96 10.42 -29.63
C THR B 192 17.06 11.07 -30.67
N GLY B 193 15.82 10.62 -30.76
CA GLY B 193 14.90 11.23 -31.71
C GLY B 193 13.79 12.06 -31.11
N HIS B 194 13.43 11.81 -29.86
CA HIS B 194 12.27 12.42 -29.25
C HIS B 194 12.54 13.86 -28.84
N THR B 195 11.48 14.65 -28.74
CA THR B 195 11.54 16.03 -28.28
C THR B 195 10.68 16.23 -27.04
N GLY B 196 10.53 15.19 -26.23
CA GLY B 196 9.74 15.28 -25.02
C GLY B 196 10.08 14.11 -24.11
N ASP B 197 9.50 14.14 -22.92
CA ASP B 197 9.79 13.15 -21.89
C ASP B 197 9.25 11.79 -22.31
N VAL B 198 10.15 10.85 -22.58
CA VAL B 198 9.76 9.52 -23.02
C VAL B 198 9.21 8.77 -21.82
N MET B 199 7.93 8.42 -21.88
CA MET B 199 7.21 7.93 -20.71
C MET B 199 7.00 6.43 -20.69
N SER B 200 6.89 5.79 -21.84
CA SER B 200 6.65 4.36 -21.88
C SER B 200 7.51 3.70 -22.93
N LEU B 201 7.56 2.37 -22.87
CA LEU B 201 8.48 1.58 -23.67
C LEU B 201 8.03 0.12 -23.68
N SER B 202 7.87 -0.47 -24.85
CA SER B 202 7.51 -1.87 -24.95
C SER B 202 8.40 -2.55 -25.98
N LEU B 203 9.03 -3.65 -25.58
CA LEU B 203 9.85 -4.41 -26.49
C LEU B 203 8.99 -5.31 -27.37
N ALA B 204 9.56 -5.69 -28.50
CA ALA B 204 8.93 -6.67 -29.36
C ALA B 204 9.04 -8.05 -28.74
N PRO B 205 8.17 -8.99 -29.14
CA PRO B 205 8.35 -10.38 -28.67
C PRO B 205 9.61 -11.04 -29.16
N ASP B 206 10.15 -10.62 -30.31
CA ASP B 206 11.40 -11.16 -30.83
C ASP B 206 12.59 -10.31 -30.41
N THR B 207 12.41 -9.41 -29.45
CA THR B 207 13.36 -8.51 -28.80
C THR B 207 14.33 -7.77 -29.74
N ARG B 208 13.91 -7.55 -31.00
CA ARG B 208 14.75 -6.88 -31.98
C ARG B 208 14.36 -5.42 -32.19
N LEU B 209 13.13 -5.04 -31.89
CA LEU B 209 12.67 -3.66 -31.97
C LEU B 209 11.96 -3.29 -30.68
N PHE B 210 11.78 -1.99 -30.46
CA PHE B 210 10.97 -1.52 -29.36
C PHE B 210 10.38 -0.16 -29.70
N VAL B 211 9.19 0.10 -29.19
CA VAL B 211 8.50 1.36 -29.37
C VAL B 211 8.65 2.18 -28.10
N SER B 212 8.51 3.50 -28.25
CA SER B 212 8.66 4.41 -27.13
C SER B 212 7.75 5.60 -27.33
N GLY B 213 6.83 5.82 -26.39
CA GLY B 213 5.89 6.92 -26.45
C GLY B 213 6.35 8.03 -25.53
N ALA B 214 6.35 9.25 -26.05
CA ALA B 214 6.84 10.39 -25.31
C ALA B 214 5.74 11.44 -25.16
N CYS B 215 6.13 12.58 -24.59
CA CYS B 215 5.24 13.71 -24.34
C CYS B 215 5.23 14.70 -25.49
N ASP B 216 5.60 14.26 -26.68
CA ASP B 216 5.42 15.07 -27.88
C ASP B 216 4.29 14.53 -28.74
N ALA B 217 3.43 13.68 -28.16
CA ALA B 217 2.34 12.97 -28.83
C ALA B 217 2.86 12.16 -30.02
N SER B 218 3.91 11.39 -29.78
CA SER B 218 4.60 10.71 -30.87
C SER B 218 5.21 9.42 -30.36
N ALA B 219 4.86 8.32 -31.00
CA ALA B 219 5.49 7.03 -30.76
C ALA B 219 6.50 6.76 -31.87
N LYS B 220 7.64 6.19 -31.49
CA LYS B 220 8.73 5.95 -32.42
C LYS B 220 9.18 4.51 -32.31
N LEU B 221 9.28 3.83 -33.45
CA LEU B 221 9.74 2.45 -33.51
C LEU B 221 11.25 2.43 -33.75
N TRP B 222 11.99 1.89 -32.79
CA TRP B 222 13.44 1.88 -32.83
C TRP B 222 13.97 0.50 -33.20
N ASP B 223 15.20 0.49 -33.69
CA ASP B 223 15.96 -0.74 -33.92
C ASP B 223 17.04 -0.81 -32.86
N VAL B 224 17.18 -1.97 -32.24
CA VAL B 224 18.09 -2.09 -31.11
C VAL B 224 19.52 -2.22 -31.57
N ARG B 225 19.76 -3.00 -32.63
CA ARG B 225 21.12 -3.25 -33.08
C ARG B 225 21.68 -2.06 -33.84
N GLU B 226 20.90 -1.47 -34.73
CA GLU B 226 21.37 -0.33 -35.50
C GLU B 226 21.36 0.95 -34.69
N GLY B 227 20.33 1.16 -33.88
CA GLY B 227 20.20 2.39 -33.13
C GLY B 227 19.44 3.49 -33.83
N MET B 228 18.73 3.18 -34.89
CA MET B 228 18.02 4.17 -35.68
C MET B 228 16.58 4.30 -35.18
N CYS B 229 15.83 5.20 -35.82
CA CYS B 229 14.39 5.29 -35.68
C CYS B 229 13.78 4.92 -37.01
N ARG B 230 13.11 3.77 -37.06
CA ARG B 230 12.56 3.28 -38.31
C ARG B 230 11.31 4.04 -38.71
N GLN B 231 10.37 4.21 -37.78
CA GLN B 231 9.10 4.86 -38.07
C GLN B 231 8.74 5.80 -36.92
N THR B 232 7.96 6.82 -37.24
CA THR B 232 7.37 7.69 -36.23
C THR B 232 5.88 7.79 -36.47
N PHE B 233 5.13 7.90 -35.38
CA PHE B 233 3.68 7.78 -35.42
C PHE B 233 3.09 9.00 -34.71
N THR B 234 2.27 9.75 -35.42
CA THR B 234 1.93 11.12 -35.06
C THR B 234 0.42 11.31 -35.00
N GLY B 235 -0.27 10.43 -34.29
CA GLY B 235 -1.71 10.54 -34.25
C GLY B 235 -2.31 11.20 -33.04
N HIS B 236 -1.59 11.21 -31.92
CA HIS B 236 -2.20 11.60 -30.67
C HIS B 236 -2.25 13.11 -30.53
N GLU B 237 -3.01 13.57 -29.53
CA GLU B 237 -3.20 14.99 -29.27
C GLU B 237 -2.51 15.46 -28.00
N SER B 238 -2.04 14.55 -27.15
CA SER B 238 -1.39 14.91 -25.91
C SER B 238 -0.38 13.84 -25.56
N ASP B 239 0.07 13.85 -24.31
CA ASP B 239 1.22 13.07 -23.89
C ASP B 239 0.89 11.58 -23.82
N ILE B 240 1.63 10.78 -24.57
CA ILE B 240 1.48 9.33 -24.55
C ILE B 240 2.08 8.79 -23.26
N ASN B 241 1.27 8.13 -22.45
CA ASN B 241 1.72 7.64 -21.16
C ASN B 241 2.05 6.16 -21.17
N ALA B 242 1.40 5.37 -22.01
CA ALA B 242 1.54 3.93 -21.99
C ALA B 242 1.58 3.39 -23.40
N ILE B 243 2.49 2.44 -23.63
CA ILE B 243 2.63 1.79 -24.93
C ILE B 243 2.70 0.29 -24.68
N CYS B 244 2.28 -0.49 -25.69
CA CYS B 244 2.25 -1.94 -25.55
C CYS B 244 2.21 -2.58 -26.93
N PHE B 245 3.11 -3.52 -27.17
CA PHE B 245 3.14 -4.24 -28.45
C PHE B 245 2.00 -5.25 -28.54
N PHE B 246 1.48 -5.41 -29.76
CA PHE B 246 0.63 -6.54 -30.09
C PHE B 246 1.44 -7.83 -29.96
N PRO B 247 0.78 -8.96 -29.67
CA PRO B 247 1.54 -10.21 -29.48
C PRO B 247 2.23 -10.74 -30.73
N ASN B 248 1.91 -10.24 -31.92
CA ASN B 248 2.58 -10.72 -33.12
C ASN B 248 3.69 -9.78 -33.58
N GLY B 249 3.88 -8.65 -32.91
CA GLY B 249 5.00 -7.77 -33.20
C GLY B 249 4.82 -6.87 -34.39
N ASN B 250 3.61 -6.77 -34.95
CA ASN B 250 3.37 -5.92 -36.10
C ASN B 250 2.39 -4.80 -35.80
N ALA B 251 2.05 -4.58 -34.54
CA ALA B 251 1.13 -3.53 -34.15
C ALA B 251 1.44 -3.12 -32.71
N PHE B 252 0.94 -1.97 -32.31
CA PHE B 252 1.06 -1.54 -30.92
C PHE B 252 -0.06 -0.56 -30.57
N ALA B 253 -0.39 -0.50 -29.29
CA ALA B 253 -1.39 0.39 -28.76
C ALA B 253 -0.73 1.46 -27.89
N THR B 254 -1.25 2.68 -27.96
CA THR B 254 -0.71 3.82 -27.23
C THR B 254 -1.80 4.45 -26.40
N GLY B 255 -1.54 4.64 -25.12
CA GLY B 255 -2.46 5.34 -24.24
C GLY B 255 -1.93 6.73 -23.95
N SER B 256 -2.81 7.72 -23.96
CA SER B 256 -2.41 9.11 -23.80
C SER B 256 -3.36 9.84 -22.87
N ASP B 257 -3.06 11.11 -22.62
CA ASP B 257 -3.82 11.95 -21.70
C ASP B 257 -5.02 12.61 -22.34
N ASP B 258 -5.27 12.40 -23.63
CA ASP B 258 -6.47 12.91 -24.27
C ASP B 258 -7.60 11.88 -24.29
N ALA B 259 -7.56 10.90 -23.36
CA ALA B 259 -8.58 9.87 -23.17
C ALA B 259 -8.81 9.06 -24.44
N THR B 260 -7.72 8.62 -25.06
CA THR B 260 -7.80 7.87 -26.29
C THR B 260 -6.68 6.84 -26.35
N CYS B 261 -7.04 5.58 -26.53
CA CYS B 261 -6.11 4.55 -26.94
C CYS B 261 -6.09 4.49 -28.46
N ARG B 262 -4.93 4.17 -29.02
CA ARG B 262 -4.78 4.16 -30.47
C ARG B 262 -3.91 2.97 -30.87
N LEU B 263 -4.47 2.08 -31.68
CA LEU B 263 -3.74 0.95 -32.22
C LEU B 263 -3.10 1.35 -33.55
N PHE B 264 -1.79 1.23 -33.64
CA PHE B 264 -1.05 1.53 -34.85
C PHE B 264 -0.64 0.22 -35.51
N ASP B 265 0.06 0.32 -36.63
CA ASP B 265 0.68 -0.85 -37.25
C ASP B 265 1.94 -0.44 -37.98
N LEU B 266 2.90 -1.36 -38.03
CA LEU B 266 4.23 -1.06 -38.53
C LEU B 266 4.36 -1.26 -40.03
N ARG B 267 3.74 -2.29 -40.59
CA ARG B 267 3.84 -2.55 -42.01
C ARG B 267 3.06 -1.55 -42.85
N ALA B 268 2.06 -0.90 -42.26
CA ALA B 268 1.29 0.13 -42.94
C ALA B 268 1.65 1.54 -42.51
N ASP B 269 2.28 1.68 -41.34
CA ASP B 269 2.86 2.93 -40.83
C ASP B 269 1.80 4.01 -40.61
N GLN B 270 0.66 3.65 -40.02
CA GLN B 270 -0.34 4.65 -39.67
C GLN B 270 -1.23 4.12 -38.55
N GLU B 271 -2.25 4.88 -38.23
CA GLU B 271 -3.19 4.56 -37.17
C GLU B 271 -4.28 3.65 -37.72
N LEU B 272 -4.78 2.75 -36.86
CA LEU B 272 -5.82 1.83 -37.26
C LEU B 272 -7.14 2.11 -36.57
N MET B 273 -7.19 2.08 -35.24
CA MET B 273 -8.43 2.32 -34.52
C MET B 273 -8.20 3.34 -33.43
N THR B 274 -9.32 3.83 -32.88
CA THR B 274 -9.34 4.90 -31.89
C THR B 274 -10.32 4.49 -30.79
N TYR B 275 -9.79 4.01 -29.67
CA TYR B 275 -10.62 3.46 -28.59
C TYR B 275 -10.98 4.61 -27.66
N SER B 276 -11.89 5.45 -28.13
CA SER B 276 -12.31 6.63 -27.40
C SER B 276 -13.77 6.48 -26.98
N HIS B 277 -14.14 7.24 -25.97
CA HIS B 277 -15.53 7.31 -25.54
C HIS B 277 -15.83 8.72 -25.06
N ASP B 278 -17.09 9.12 -25.22
CA ASP B 278 -17.48 10.46 -24.83
C ASP B 278 -17.59 10.62 -23.33
N ASN B 279 -17.89 9.53 -22.61
CA ASN B 279 -17.99 9.59 -21.16
C ASN B 279 -16.61 9.70 -20.54
N ILE B 280 -15.60 9.10 -21.15
CA ILE B 280 -14.26 9.04 -20.60
C ILE B 280 -13.52 10.33 -20.94
N ILE B 281 -13.16 11.09 -19.92
CA ILE B 281 -12.32 12.26 -20.07
C ILE B 281 -10.93 12.04 -19.47
N CYS B 282 -10.81 11.15 -18.48
CA CYS B 282 -9.55 10.89 -17.81
C CYS B 282 -8.56 10.18 -18.73
N GLY B 283 -7.27 10.43 -18.49
CA GLY B 283 -6.22 9.87 -19.31
C GLY B 283 -5.89 8.42 -18.98
N ILE B 284 -5.10 7.82 -19.85
CA ILE B 284 -4.70 6.43 -19.74
C ILE B 284 -3.33 6.36 -19.11
N THR B 285 -3.17 5.57 -18.06
CA THR B 285 -1.87 5.37 -17.42
C THR B 285 -1.20 4.07 -17.78
N SER B 286 -1.96 3.01 -18.04
CA SER B 286 -1.38 1.73 -18.40
C SER B 286 -2.21 1.11 -19.51
N VAL B 287 -1.54 0.39 -20.39
CA VAL B 287 -2.22 -0.28 -21.51
C VAL B 287 -1.58 -1.65 -21.65
N SER B 288 -2.39 -2.64 -22.05
CA SER B 288 -1.92 -4.01 -22.22
C SER B 288 -2.91 -4.78 -23.06
N PHE B 289 -2.38 -5.72 -23.84
CA PHE B 289 -3.17 -6.64 -24.65
C PHE B 289 -3.33 -7.96 -23.92
N SER B 290 -4.23 -8.79 -24.42
CA SER B 290 -4.36 -10.15 -23.94
C SER B 290 -3.40 -11.04 -24.72
N LYS B 291 -3.55 -12.36 -24.59
CA LYS B 291 -2.63 -13.27 -25.25
C LYS B 291 -2.92 -13.37 -26.75
N SER B 292 -4.19 -13.32 -27.12
CA SER B 292 -4.58 -13.39 -28.51
C SER B 292 -4.61 -12.03 -29.20
N GLY B 293 -4.50 -10.95 -28.44
CA GLY B 293 -4.57 -9.62 -29.01
C GLY B 293 -5.98 -9.16 -29.29
N ARG B 294 -6.98 -9.74 -28.66
CA ARG B 294 -8.36 -9.36 -28.87
C ARG B 294 -8.83 -8.31 -27.87
N LEU B 295 -8.44 -8.44 -26.61
CA LEU B 295 -8.78 -7.47 -25.59
C LEU B 295 -7.63 -6.51 -25.37
N LEU B 296 -7.95 -5.23 -25.20
CA LEU B 296 -6.99 -4.19 -24.88
C LEU B 296 -7.40 -3.62 -23.53
N LEU B 297 -6.78 -4.13 -22.47
CA LEU B 297 -7.07 -3.65 -21.13
C LEU B 297 -6.29 -2.37 -20.89
N ALA B 298 -7.00 -1.30 -20.54
CA ALA B 298 -6.38 0.00 -20.36
C ALA B 298 -6.77 0.57 -19.00
N GLY B 299 -5.78 1.09 -18.27
CA GLY B 299 -6.00 1.68 -16.97
C GLY B 299 -6.14 3.19 -17.08
N TYR B 300 -7.09 3.73 -16.34
CA TYR B 300 -7.48 5.13 -16.48
C TYR B 300 -7.27 5.88 -15.17
N ASP B 301 -7.28 7.21 -15.27
CA ASP B 301 -7.25 8.07 -14.10
C ASP B 301 -8.60 8.14 -13.39
N ASP B 302 -9.65 7.58 -13.99
CA ASP B 302 -11.02 7.59 -13.47
C ASP B 302 -11.27 6.49 -12.46
N PHE B 303 -10.19 5.97 -11.86
CA PHE B 303 -10.10 4.98 -10.80
C PHE B 303 -10.39 3.57 -11.27
N ASN B 304 -10.65 3.35 -12.56
CA ASN B 304 -11.08 2.04 -13.01
C ASN B 304 -10.48 1.70 -14.37
N CYS B 305 -10.17 0.43 -14.56
CA CYS B 305 -9.68 -0.10 -15.82
C CYS B 305 -10.85 -0.49 -16.71
N ASN B 306 -10.64 -0.41 -18.01
CA ASN B 306 -11.62 -0.83 -18.99
C ASN B 306 -11.03 -1.90 -19.90
N VAL B 307 -11.91 -2.72 -20.44
CA VAL B 307 -11.54 -3.79 -21.35
C VAL B 307 -12.11 -3.41 -22.71
N TRP B 308 -11.30 -2.76 -23.52
CA TRP B 308 -11.68 -2.50 -24.89
C TRP B 308 -11.46 -3.74 -25.73
N ASP B 309 -12.23 -3.87 -26.79
CA ASP B 309 -12.00 -4.92 -27.76
C ASP B 309 -11.21 -4.34 -28.93
N ALA B 310 -10.07 -4.96 -29.22
CA ALA B 310 -9.05 -4.37 -30.09
C ALA B 310 -9.42 -4.36 -31.55
N LEU B 311 -10.45 -5.09 -31.96
CA LEU B 311 -10.82 -5.13 -33.37
C LEU B 311 -12.15 -4.43 -33.66
N LYS B 312 -13.01 -4.25 -32.67
CA LYS B 312 -14.27 -3.55 -32.86
C LYS B 312 -14.32 -2.17 -32.23
N ALA B 313 -13.41 -1.87 -31.30
CA ALA B 313 -13.37 -0.64 -30.50
C ALA B 313 -14.68 -0.39 -29.76
N ASP B 314 -15.12 -1.40 -29.01
CA ASP B 314 -16.27 -1.25 -28.13
C ASP B 314 -15.86 -1.66 -26.72
N ARG B 315 -16.32 -0.89 -25.75
CA ARG B 315 -16.00 -1.19 -24.36
C ARG B 315 -16.78 -2.42 -23.92
N ALA B 316 -16.07 -3.52 -23.72
CA ALA B 316 -16.69 -4.80 -23.41
C ALA B 316 -16.46 -5.25 -21.98
N GLY B 317 -16.19 -4.32 -21.07
CA GLY B 317 -15.93 -4.69 -19.71
C GLY B 317 -15.24 -3.60 -18.93
N VAL B 318 -15.52 -3.51 -17.64
CA VAL B 318 -14.96 -2.49 -16.75
C VAL B 318 -14.50 -3.18 -15.48
N LEU B 319 -13.24 -3.00 -15.12
CA LEU B 319 -12.71 -3.48 -13.85
C LEU B 319 -12.69 -2.29 -12.89
N ALA B 320 -13.47 -2.38 -11.82
CA ALA B 320 -13.81 -1.23 -11.01
C ALA B 320 -13.65 -1.53 -9.53
N GLY B 321 -12.49 -2.06 -9.15
CA GLY B 321 -12.29 -2.43 -7.76
C GLY B 321 -11.41 -1.51 -6.96
N HIS B 322 -10.75 -0.57 -7.63
CA HIS B 322 -9.75 0.26 -6.99
C HIS B 322 -10.37 1.56 -6.49
N ASP B 323 -9.80 2.10 -5.43
CA ASP B 323 -10.27 3.36 -4.86
C ASP B 323 -9.31 4.50 -5.09
N ASN B 324 -8.40 4.38 -6.05
CA ASN B 324 -7.55 5.47 -6.49
C ASN B 324 -7.13 5.19 -7.93
N ARG B 325 -6.15 5.95 -8.41
CA ARG B 325 -5.76 5.95 -9.81
C ARG B 325 -5.02 4.67 -10.18
N VAL B 326 -5.53 3.94 -11.16
CA VAL B 326 -4.84 2.77 -11.67
C VAL B 326 -3.61 3.23 -12.44
N SER B 327 -2.44 2.79 -11.99
CA SER B 327 -1.18 3.19 -12.59
C SER B 327 -0.40 2.04 -13.19
N CYS B 328 -0.80 0.80 -12.91
CA CYS B 328 -0.09 -0.38 -13.37
C CYS B 328 -1.11 -1.36 -13.93
N LEU B 329 -0.71 -2.11 -14.94
CA LEU B 329 -1.57 -3.14 -15.49
C LEU B 329 -0.67 -4.15 -16.19
N GLY B 330 -0.95 -5.43 -15.99
CA GLY B 330 -0.16 -6.45 -16.64
C GLY B 330 -0.85 -7.78 -16.81
N VAL B 331 -0.84 -8.30 -18.02
CA VAL B 331 -1.36 -9.62 -18.34
C VAL B 331 -0.18 -10.57 -18.38
N THR B 332 -0.36 -11.77 -17.83
CA THR B 332 0.70 -12.76 -17.75
C THR B 332 1.06 -13.29 -19.14
N ASP B 333 2.17 -14.02 -19.20
CA ASP B 333 2.62 -14.55 -20.48
C ASP B 333 1.81 -15.74 -20.95
N ASP B 334 1.01 -16.36 -20.11
CA ASP B 334 0.06 -17.36 -20.56
C ASP B 334 -1.36 -16.83 -20.67
N GLY B 335 -1.56 -15.53 -20.41
CA GLY B 335 -2.86 -14.91 -20.55
C GLY B 335 -3.85 -15.28 -19.48
N MET B 336 -3.41 -15.85 -18.37
CA MET B 336 -4.33 -16.35 -17.37
C MET B 336 -4.96 -15.21 -16.58
N ALA B 337 -4.14 -14.33 -16.01
CA ALA B 337 -4.64 -13.29 -15.14
C ALA B 337 -4.19 -11.90 -15.59
N VAL B 338 -4.85 -10.91 -15.00
CA VAL B 338 -4.52 -9.50 -15.15
C VAL B 338 -4.27 -8.96 -13.76
N ALA B 339 -3.07 -8.44 -13.53
CA ALA B 339 -2.79 -7.74 -12.28
C ALA B 339 -2.86 -6.24 -12.53
N THR B 340 -3.35 -5.52 -11.52
CA THR B 340 -3.66 -4.11 -11.65
C THR B 340 -3.28 -3.42 -10.35
N GLY B 341 -2.22 -2.63 -10.39
CA GLY B 341 -1.78 -1.88 -9.24
C GLY B 341 -2.21 -0.43 -9.33
N SER B 342 -2.46 0.18 -8.18
CA SER B 342 -3.04 1.50 -8.15
C SER B 342 -2.49 2.26 -6.95
N TRP B 343 -3.02 3.45 -6.72
CA TRP B 343 -2.47 4.37 -5.73
C TRP B 343 -3.05 4.14 -4.35
N ASP B 344 -3.90 3.13 -4.18
CA ASP B 344 -4.42 2.74 -2.88
C ASP B 344 -3.58 1.65 -2.23
N SER B 345 -2.34 1.47 -2.69
CA SER B 345 -1.34 0.55 -2.16
C SER B 345 -1.73 -0.92 -2.29
N PHE B 346 -2.71 -1.25 -3.13
CA PHE B 346 -3.15 -2.63 -3.29
C PHE B 346 -3.05 -3.03 -4.75
N LEU B 347 -2.54 -4.23 -4.99
CA LEU B 347 -2.69 -4.85 -6.29
C LEU B 347 -3.90 -5.75 -6.27
N LYS B 348 -4.43 -6.04 -7.45
CA LYS B 348 -5.57 -6.91 -7.58
C LYS B 348 -5.36 -7.79 -8.80
N ILE B 349 -5.56 -9.09 -8.62
CA ILE B 349 -5.37 -10.07 -9.68
C ILE B 349 -6.74 -10.55 -10.13
N TRP B 350 -6.99 -10.50 -11.43
CA TRP B 350 -8.32 -10.69 -11.98
C TRP B 350 -8.35 -11.88 -12.92
N ASN B 351 -9.55 -12.45 -13.08
CA ASN B 351 -9.80 -13.50 -14.07
C ASN B 351 -11.09 -13.21 -14.83
N VAL C 39 30.29 -18.96 1.63
CA VAL C 39 29.58 -19.27 2.85
C VAL C 39 30.35 -20.30 3.66
N GLN C 40 30.13 -20.32 4.98
CA GLN C 40 30.87 -21.22 5.85
C GLN C 40 30.04 -21.50 7.09
N LEU C 41 30.07 -22.77 7.52
CA LEU C 41 29.38 -23.22 8.73
C LEU C 41 30.35 -24.12 9.48
N VAL C 42 30.94 -23.61 10.57
CA VAL C 42 31.90 -24.36 11.36
C VAL C 42 31.31 -24.64 12.74
N GLU C 43 31.43 -25.88 13.18
CA GLU C 43 30.83 -26.34 14.42
C GLU C 43 31.90 -26.57 15.47
N SER C 44 31.50 -26.46 16.74
CA SER C 44 32.41 -26.66 17.86
C SER C 44 31.68 -27.43 18.95
N GLY C 45 32.43 -28.29 19.63
CA GLY C 45 31.86 -29.22 20.59
C GLY C 45 32.25 -30.65 20.28
N GLY C 46 31.92 -31.52 21.21
CA GLY C 46 32.23 -32.92 21.08
C GLY C 46 33.26 -33.38 22.09
N GLY C 47 33.66 -34.63 21.96
CA GLY C 47 34.58 -35.26 22.87
C GLY C 47 33.89 -36.36 23.65
N LEU C 48 34.69 -37.04 24.48
CA LEU C 48 34.19 -38.14 25.29
C LEU C 48 33.28 -37.60 26.39
N VAL C 49 32.03 -38.04 26.40
CA VAL C 49 31.03 -37.64 27.39
C VAL C 49 30.56 -38.90 28.10
N GLN C 50 30.41 -38.81 29.42
CA GLN C 50 29.76 -39.88 30.17
C GLN C 50 28.28 -39.97 29.78
N PRO C 51 27.67 -41.15 29.88
CA PRO C 51 26.28 -41.31 29.39
C PRO C 51 25.23 -40.55 30.19
N GLY C 52 25.49 -40.20 31.43
CA GLY C 52 24.54 -39.36 32.13
C GLY C 52 24.83 -37.88 32.02
N GLY C 53 25.81 -37.50 31.20
CA GLY C 53 26.29 -36.13 31.16
C GLY C 53 25.61 -35.29 30.09
N SER C 54 26.11 -34.06 29.96
CA SER C 54 25.54 -33.08 29.06
C SER C 54 26.65 -32.40 28.27
N ARG C 55 26.31 -31.92 27.08
CA ARG C 55 27.28 -31.29 26.19
C ARG C 55 26.52 -30.42 25.20
N LYS C 56 26.94 -29.17 25.07
CA LYS C 56 26.29 -28.20 24.20
C LYS C 56 27.13 -27.98 22.95
N LEU C 57 26.54 -28.21 21.79
CA LEU C 57 27.20 -27.94 20.52
C LEU C 57 26.89 -26.51 20.07
N SER C 58 27.67 -26.04 19.10
CA SER C 58 27.53 -24.67 18.62
C SER C 58 28.07 -24.59 17.21
N CYS C 59 27.27 -24.04 16.30
CA CYS C 59 27.69 -23.81 14.92
C CYS C 59 27.72 -22.31 14.66
N SER C 60 28.85 -21.82 14.16
CA SER C 60 29.06 -20.39 13.95
C SER C 60 28.93 -20.08 12.47
N ALA C 61 27.84 -19.42 12.10
CA ALA C 61 27.61 -19.02 10.72
C ALA C 61 28.38 -17.75 10.39
N SER C 62 29.01 -17.73 9.22
CA SER C 62 29.79 -16.56 8.80
C SER C 62 29.90 -16.60 7.28
N GLY C 63 29.21 -15.67 6.62
CA GLY C 63 29.32 -15.58 5.17
C GLY C 63 27.99 -15.49 4.46
N PHE C 64 26.90 -15.52 5.23
CA PHE C 64 25.57 -15.43 4.66
C PHE C 64 24.64 -14.79 5.67
N ALA C 65 23.46 -14.40 5.20
CA ALA C 65 22.46 -13.78 6.05
C ALA C 65 21.81 -14.84 6.92
N PHE C 66 22.38 -15.07 8.11
CA PHE C 66 22.02 -16.22 8.94
C PHE C 66 20.61 -16.13 9.48
N SER C 67 20.11 -14.92 9.70
CA SER C 67 18.79 -14.74 10.31
C SER C 67 17.64 -15.03 9.37
N SER C 68 17.91 -15.21 8.08
CA SER C 68 16.86 -15.50 7.11
C SER C 68 16.84 -16.97 6.69
N PHE C 69 17.68 -17.80 7.29
CA PHE C 69 17.79 -19.21 6.95
C PHE C 69 17.25 -20.05 8.10
N GLY C 70 16.39 -21.00 7.78
CA GLY C 70 15.99 -21.97 8.78
C GLY C 70 17.01 -23.07 8.86
N MET C 71 17.68 -23.21 10.00
CA MET C 71 18.81 -24.10 10.11
C MET C 71 18.45 -25.36 10.87
N HIS C 72 19.00 -26.48 10.40
CA HIS C 72 18.69 -27.82 10.88
C HIS C 72 19.85 -28.38 11.72
N TRP C 73 19.65 -29.60 12.18
CA TRP C 73 20.71 -30.43 12.73
C TRP C 73 20.48 -31.84 12.25
N VAL C 74 21.47 -32.42 11.56
CA VAL C 74 21.39 -33.76 11.01
C VAL C 74 22.66 -34.48 11.42
N ARG C 75 22.52 -35.65 12.03
CA ARG C 75 23.67 -36.40 12.54
C ARG C 75 23.91 -37.65 11.71
N GLN C 76 25.07 -38.26 11.96
CA GLN C 76 25.52 -39.42 11.20
C GLN C 76 26.29 -40.34 12.15
N ALA C 77 25.66 -41.44 12.54
CA ALA C 77 26.28 -42.45 13.38
C ALA C 77 27.47 -43.10 12.65
N PRO C 78 28.45 -43.65 13.38
CA PRO C 78 29.63 -44.21 12.72
C PRO C 78 29.29 -45.45 11.89
N GLU C 79 29.75 -45.43 10.63
CA GLU C 79 29.48 -46.44 9.61
C GLU C 79 27.98 -46.66 9.38
N LYS C 80 27.19 -45.59 9.51
CA LYS C 80 25.77 -45.67 9.23
C LYS C 80 25.35 -44.47 8.38
N GLY C 81 24.06 -44.31 8.17
CA GLY C 81 23.53 -43.26 7.33
C GLY C 81 23.32 -41.97 8.09
N LEU C 82 22.52 -41.10 7.48
CA LEU C 82 22.20 -39.80 8.05
C LEU C 82 20.87 -39.88 8.78
N GLU C 83 20.73 -39.04 9.81
CA GLU C 83 19.51 -39.04 10.59
C GLU C 83 19.27 -37.63 11.13
N TRP C 84 18.04 -37.17 10.96
CA TRP C 84 17.65 -35.82 11.33
C TRP C 84 17.49 -35.69 12.83
N VAL C 85 17.84 -34.52 13.37
CA VAL C 85 17.82 -34.33 14.82
C VAL C 85 16.88 -33.20 15.22
N ALA C 86 17.14 -31.98 14.76
CA ALA C 86 16.34 -30.84 15.19
C ALA C 86 16.23 -29.81 14.07
N TYR C 87 15.43 -28.79 14.33
CA TYR C 87 15.19 -27.71 13.38
C TYR C 87 14.71 -26.48 14.14
N ILE C 88 15.17 -25.31 13.73
CA ILE C 88 14.68 -24.05 14.24
C ILE C 88 14.49 -23.11 13.05
N SER C 89 13.36 -22.42 13.02
CA SER C 89 12.97 -21.69 11.83
C SER C 89 13.64 -20.32 11.79
N SER C 90 13.41 -19.60 10.69
CA SER C 90 13.88 -18.24 10.57
C SER C 90 13.04 -17.34 11.46
N GLY C 91 13.65 -16.87 12.55
CA GLY C 91 12.94 -16.08 13.53
C GLY C 91 12.55 -16.80 14.79
N SER C 92 13.08 -18.02 15.00
CA SER C 92 12.82 -18.87 16.18
C SER C 92 11.33 -19.13 16.35
N GLY C 93 10.70 -19.57 15.27
CA GLY C 93 9.27 -19.83 15.25
C GLY C 93 8.99 -21.31 15.40
N THR C 94 8.76 -21.99 14.28
CA THR C 94 8.54 -23.43 14.31
C THR C 94 9.83 -24.15 14.68
N ILE C 95 9.81 -24.81 15.83
CA ILE C 95 10.93 -25.58 16.34
C ILE C 95 10.49 -27.03 16.41
N TYR C 96 11.15 -27.89 15.64
CA TYR C 96 10.74 -29.28 15.50
C TYR C 96 11.91 -30.19 15.82
N TYR C 97 11.64 -31.24 16.59
CA TYR C 97 12.63 -32.24 16.96
C TYR C 97 12.22 -33.61 16.43
N ALA C 98 13.18 -34.50 16.37
CA ALA C 98 12.88 -35.91 16.14
C ALA C 98 12.41 -36.53 17.44
N ASP C 99 11.67 -37.62 17.32
CA ASP C 99 11.10 -38.26 18.50
C ASP C 99 12.14 -39.04 19.29
N THR C 100 13.28 -39.34 18.70
CA THR C 100 14.34 -40.03 19.43
C THR C 100 15.21 -39.09 20.25
N VAL C 101 15.04 -37.78 20.08
CA VAL C 101 15.83 -36.79 20.80
C VAL C 101 14.92 -35.76 21.47
N LYS C 102 13.62 -36.01 21.44
CA LYS C 102 12.68 -35.06 22.01
C LYS C 102 12.72 -35.11 23.52
N GLY C 103 12.72 -33.95 24.14
CA GLY C 103 12.86 -33.85 25.58
C GLY C 103 14.29 -33.67 26.03
N ARG C 104 15.19 -34.49 25.52
CA ARG C 104 16.59 -34.41 25.92
C ARG C 104 17.31 -33.27 25.22
N PHE C 105 16.96 -33.01 23.96
CA PHE C 105 17.68 -32.06 23.13
C PHE C 105 16.87 -30.79 23.01
N THR C 106 17.51 -29.65 23.19
CA THR C 106 16.88 -28.35 22.96
C THR C 106 17.75 -27.54 22.01
N ILE C 107 17.17 -27.14 20.90
CA ILE C 107 17.85 -26.30 19.92
C ILE C 107 17.57 -24.84 20.25
N SER C 108 18.51 -23.97 19.91
CA SER C 108 18.37 -22.55 20.15
C SER C 108 19.16 -21.79 19.10
N ARG C 109 19.03 -20.47 19.13
CA ARG C 109 19.49 -19.63 18.05
C ARG C 109 19.88 -18.28 18.63
N ASP C 110 20.90 -17.65 18.06
CA ASP C 110 21.31 -16.32 18.47
C ASP C 110 21.63 -15.54 17.19
N ASP C 111 20.64 -14.80 16.70
CA ASP C 111 20.78 -14.10 15.43
C ASP C 111 21.79 -12.94 15.42
N PRO C 112 22.02 -12.15 16.51
CA PRO C 112 23.15 -11.21 16.46
C PRO C 112 24.52 -11.85 16.33
N LYS C 113 24.85 -12.78 17.23
CA LYS C 113 26.18 -13.37 17.22
C LYS C 113 26.36 -14.48 16.18
N ASN C 114 25.30 -14.78 15.42
CA ASN C 114 25.32 -15.73 14.29
C ASN C 114 25.75 -17.13 14.73
N THR C 115 25.03 -17.67 15.71
CA THR C 115 25.33 -18.99 16.23
C THR C 115 24.07 -19.84 16.29
N LEU C 116 24.28 -21.16 16.30
CA LEU C 116 23.20 -22.12 16.41
C LEU C 116 23.63 -23.19 17.40
N PHE C 117 22.85 -23.40 18.45
CA PHE C 117 23.23 -24.31 19.51
C PHE C 117 22.37 -25.57 19.50
N LEU C 118 22.81 -26.56 20.27
CA LEU C 118 22.08 -27.82 20.43
C LEU C 118 22.42 -28.35 21.82
N GLN C 119 21.53 -28.15 22.78
CA GLN C 119 21.81 -28.49 24.16
C GLN C 119 21.26 -29.86 24.48
N MET C 120 22.14 -30.79 24.82
CA MET C 120 21.79 -32.15 25.17
C MET C 120 21.84 -32.30 26.68
N THR C 121 20.84 -32.94 27.26
CA THR C 121 20.75 -33.05 28.71
C THR C 121 21.21 -34.42 29.21
N SER C 122 20.58 -35.50 28.73
CA SER C 122 20.96 -36.85 29.09
C SER C 122 21.37 -37.57 27.82
N LEU C 123 22.63 -37.95 27.74
CA LEU C 123 23.24 -38.36 26.48
C LEU C 123 23.37 -39.87 26.43
N ARG C 124 22.35 -40.53 25.90
CA ARG C 124 22.39 -41.98 25.74
C ARG C 124 23.42 -42.39 24.70
N SER C 125 23.84 -43.64 24.77
CA SER C 125 24.99 -44.11 24.00
C SER C 125 24.70 -44.26 22.50
N GLU C 126 23.46 -44.13 22.04
CA GLU C 126 23.19 -44.18 20.62
C GLU C 126 23.31 -42.81 19.96
N ASP C 127 23.65 -41.77 20.72
CA ASP C 127 23.85 -40.43 20.20
C ASP C 127 25.28 -40.19 19.74
N THR C 128 26.09 -41.24 19.65
CA THR C 128 27.44 -41.14 19.10
C THR C 128 27.34 -40.89 17.60
N ALA C 129 27.76 -39.72 17.15
CA ALA C 129 27.56 -39.36 15.76
C ALA C 129 28.55 -38.26 15.38
N MET C 130 28.43 -37.82 14.13
CA MET C 130 29.09 -36.61 13.62
C MET C 130 27.97 -35.65 13.24
N TYR C 131 27.84 -34.56 14.00
CA TYR C 131 26.68 -33.70 13.94
C TYR C 131 26.88 -32.60 12.90
N TYR C 132 26.09 -32.62 11.84
CA TYR C 132 26.15 -31.62 10.78
C TYR C 132 25.11 -30.54 11.00
N CYS C 133 25.38 -29.35 10.46
CA CYS C 133 24.50 -28.21 10.58
C CYS C 133 24.17 -27.71 9.19
N VAL C 134 22.89 -27.78 8.81
CA VAL C 134 22.45 -27.50 7.46
C VAL C 134 21.59 -26.25 7.47
N ARG C 135 21.78 -25.39 6.49
CA ARG C 135 20.92 -24.24 6.29
C ARG C 135 19.84 -24.58 5.27
N SER C 136 18.69 -23.91 5.40
CA SER C 136 17.56 -24.19 4.53
C SER C 136 16.66 -22.96 4.49
N ILE C 137 16.58 -22.30 3.35
CA ILE C 137 15.70 -21.16 3.17
C ILE C 137 14.47 -21.63 2.40
N TYR C 138 13.31 -21.06 2.73
CA TYR C 138 12.03 -21.55 2.23
C TYR C 138 11.23 -20.41 1.62
N TYR C 139 11.21 -20.35 0.30
CA TYR C 139 10.27 -19.54 -0.46
C TYR C 139 10.00 -20.26 -1.77
N TYR C 140 9.29 -19.61 -2.66
CA TYR C 140 9.01 -20.21 -3.97
C TYR C 140 10.28 -20.26 -4.79
N GLY C 141 10.68 -21.46 -5.19
CA GLY C 141 11.87 -21.62 -6.00
C GLY C 141 13.17 -21.71 -5.22
N SER C 142 13.11 -21.75 -3.90
CA SER C 142 14.32 -21.86 -3.11
C SER C 142 14.88 -23.27 -3.20
N SER C 143 16.15 -23.40 -2.82
CA SER C 143 16.83 -24.68 -2.75
C SER C 143 17.24 -24.92 -1.31
N PRO C 144 16.39 -25.55 -0.50
CA PRO C 144 16.78 -25.85 0.87
C PRO C 144 17.76 -27.02 0.92
N PHE C 145 18.39 -27.13 2.09
CA PHE C 145 19.47 -28.08 2.37
C PHE C 145 20.63 -27.90 1.39
N ASP C 146 20.97 -26.65 1.10
CA ASP C 146 21.95 -26.36 0.07
C ASP C 146 23.37 -26.25 0.57
N PHE C 147 23.58 -25.96 1.85
CA PHE C 147 24.93 -25.87 2.39
C PHE C 147 24.99 -26.55 3.74
N TRP C 148 25.97 -27.44 3.89
CA TRP C 148 26.16 -28.23 5.09
C TRP C 148 27.47 -27.84 5.75
N GLY C 149 27.51 -27.96 7.07
CA GLY C 149 28.73 -27.71 7.81
C GLY C 149 29.68 -28.88 7.75
N GLN C 150 30.78 -28.74 8.48
CA GLN C 150 31.82 -29.76 8.45
C GLN C 150 31.56 -30.90 9.42
N GLY C 151 31.08 -30.60 10.61
CA GLY C 151 30.66 -31.65 11.53
C GLY C 151 31.58 -31.79 12.71
N THR C 152 30.99 -31.99 13.89
CA THR C 152 31.72 -32.29 15.10
C THR C 152 31.38 -33.69 15.59
N THR C 153 32.38 -34.38 16.12
CA THR C 153 32.22 -35.77 16.55
C THR C 153 31.93 -35.78 18.05
N LEU C 154 30.74 -36.21 18.40
CA LEU C 154 30.31 -36.31 19.79
C LEU C 154 30.24 -37.79 20.14
N THR C 155 31.28 -38.29 20.79
CA THR C 155 31.36 -39.68 21.19
C THR C 155 30.96 -39.84 22.65
N VAL C 156 29.91 -40.62 22.89
CA VAL C 156 29.48 -40.94 24.23
C VAL C 156 29.90 -42.38 24.50
N SER C 157 30.33 -42.64 25.73
CA SER C 157 30.78 -43.97 26.09
C SER C 157 30.12 -44.46 27.36
N SER C 174 2.82 -43.34 10.27
CA SER C 174 3.67 -42.45 11.03
C SER C 174 4.79 -41.85 10.15
N ASP C 175 6.04 -42.24 10.42
CA ASP C 175 7.16 -41.71 9.67
C ASP C 175 7.26 -42.33 8.29
N ILE C 176 7.67 -41.53 7.33
CA ILE C 176 7.74 -41.96 5.93
C ILE C 176 9.06 -42.67 5.72
N VAL C 177 9.01 -43.99 5.63
CA VAL C 177 10.23 -44.79 5.52
C VAL C 177 10.75 -44.71 4.09
N MET C 178 12.00 -44.32 3.95
CA MET C 178 12.67 -44.25 2.65
C MET C 178 13.67 -45.39 2.56
N THR C 179 13.52 -46.22 1.54
CA THR C 179 14.36 -47.41 1.36
C THR C 179 15.06 -47.33 0.03
N GLN C 180 16.39 -47.23 0.07
CA GLN C 180 17.21 -47.39 -1.11
C GLN C 180 17.66 -48.85 -1.17
N ALA C 181 17.37 -49.51 -2.28
CA ALA C 181 17.56 -50.96 -2.35
C ALA C 181 19.03 -51.34 -2.42
N THR C 182 19.72 -50.88 -3.46
CA THR C 182 21.11 -51.26 -3.66
C THR C 182 22.02 -50.40 -2.81
N SER C 183 22.85 -51.04 -2.00
CA SER C 183 23.76 -50.33 -1.11
C SER C 183 25.18 -50.26 -1.62
N SER C 184 25.48 -50.87 -2.78
CA SER C 184 26.81 -50.79 -3.37
C SER C 184 26.69 -51.03 -4.86
N VAL C 185 27.16 -50.09 -5.67
CA VAL C 185 27.14 -50.19 -7.13
C VAL C 185 28.57 -50.09 -7.62
N PRO C 186 29.08 -51.07 -8.39
CA PRO C 186 30.44 -50.95 -8.95
C PRO C 186 30.42 -50.15 -10.25
N VAL C 187 31.21 -49.07 -10.30
CA VAL C 187 31.18 -48.15 -11.42
C VAL C 187 32.58 -48.01 -11.99
N THR C 188 32.66 -47.63 -13.26
CA THR C 188 33.90 -47.22 -13.91
C THR C 188 33.67 -45.85 -14.54
N PRO C 189 34.69 -44.99 -14.60
CA PRO C 189 34.48 -43.63 -15.12
C PRO C 189 34.15 -43.58 -16.61
N GLY C 190 32.90 -43.27 -16.92
CA GLY C 190 32.44 -43.24 -18.29
C GLY C 190 31.06 -43.82 -18.49
N GLU C 191 30.56 -44.56 -17.51
CA GLU C 191 29.28 -45.23 -17.62
C GLU C 191 28.13 -44.26 -17.39
N SER C 192 26.91 -44.81 -17.27
CA SER C 192 25.72 -44.03 -16.97
C SER C 192 24.91 -44.80 -15.95
N VAL C 193 24.97 -44.38 -14.69
CA VAL C 193 24.34 -45.12 -13.60
C VAL C 193 23.06 -44.44 -13.17
N SER C 194 22.25 -45.17 -12.42
CA SER C 194 20.94 -44.71 -12.00
C SER C 194 20.64 -45.28 -10.62
N ILE C 195 20.50 -44.40 -9.65
CA ILE C 195 20.25 -44.79 -8.26
C ILE C 195 18.76 -44.67 -8.01
N SER C 196 18.14 -45.77 -7.63
CA SER C 196 16.70 -45.80 -7.40
C SER C 196 16.37 -45.41 -5.96
N CYS C 197 15.10 -45.09 -5.75
CA CYS C 197 14.61 -44.68 -4.44
C CYS C 197 13.11 -44.93 -4.37
N ARG C 198 12.65 -45.41 -3.22
CA ARG C 198 11.25 -45.68 -2.99
C ARG C 198 10.83 -45.06 -1.68
N SER C 199 9.54 -44.75 -1.56
CA SER C 199 8.99 -44.16 -0.35
C SER C 199 7.75 -44.92 0.08
N SER C 200 7.28 -44.64 1.29
CA SER C 200 6.04 -45.22 1.76
C SER C 200 4.83 -44.46 1.22
N LYS C 201 4.73 -43.18 1.55
CA LYS C 201 3.67 -42.33 1.03
C LYS C 201 4.17 -41.61 -0.22
N SER C 202 3.24 -41.30 -1.11
CA SER C 202 3.59 -40.53 -2.30
C SER C 202 3.94 -39.10 -1.91
N LEU C 203 5.08 -38.62 -2.41
CA LEU C 203 5.58 -37.30 -2.06
C LEU C 203 5.05 -36.20 -2.96
N LEU C 204 4.20 -36.54 -3.92
CA LEU C 204 3.57 -35.53 -4.77
C LEU C 204 2.45 -34.88 -4.00
N HIS C 205 2.68 -33.65 -3.54
CA HIS C 205 1.68 -32.87 -2.85
C HIS C 205 0.69 -32.28 -3.84
N SER C 206 -0.40 -31.73 -3.33
CA SER C 206 -1.46 -31.19 -4.17
C SER C 206 -1.07 -29.90 -4.86
N ASN C 207 -0.02 -29.22 -4.39
CA ASN C 207 0.38 -27.97 -5.02
C ASN C 207 1.09 -28.18 -6.35
N GLY C 208 1.69 -29.35 -6.54
CA GLY C 208 2.13 -29.72 -7.87
C GLY C 208 3.52 -30.30 -7.98
N ASN C 209 4.30 -30.22 -6.91
CA ASN C 209 5.70 -30.62 -6.95
C ASN C 209 5.98 -31.67 -5.89
N THR C 210 6.65 -32.75 -6.29
CA THR C 210 7.10 -33.74 -5.33
C THR C 210 8.29 -33.20 -4.55
N TYR C 211 8.50 -33.76 -3.37
CA TYR C 211 9.45 -33.16 -2.43
C TYR C 211 10.60 -34.10 -2.10
N LEU C 212 11.24 -34.65 -3.13
CA LEU C 212 12.42 -35.48 -2.93
C LEU C 212 13.70 -34.66 -3.11
N TYR C 213 14.69 -34.94 -2.26
CA TYR C 213 15.96 -34.23 -2.25
C TYR C 213 17.09 -35.25 -2.30
N TRP C 214 17.95 -35.14 -3.32
CA TRP C 214 19.09 -36.02 -3.48
C TRP C 214 20.34 -35.38 -2.89
N PHE C 215 21.27 -36.21 -2.46
CA PHE C 215 22.50 -35.76 -1.84
C PHE C 215 23.67 -36.63 -2.29
N LEU C 216 24.87 -36.17 -1.99
CA LEU C 216 26.08 -36.91 -2.27
C LEU C 216 27.09 -36.61 -1.19
N GLN C 217 27.60 -37.65 -0.53
CA GLN C 217 28.63 -37.51 0.47
C GLN C 217 29.89 -38.21 -0.03
N ARG C 218 30.86 -37.42 -0.49
CA ARG C 218 32.15 -37.92 -0.88
C ARG C 218 32.91 -38.40 0.35
N PRO C 219 33.86 -39.33 0.20
CA PRO C 219 34.59 -39.85 1.37
C PRO C 219 35.47 -38.78 2.00
N GLY C 220 35.24 -38.53 3.29
CA GLY C 220 35.94 -37.53 4.03
C GLY C 220 35.18 -36.22 4.17
N GLN C 221 34.31 -35.91 3.22
CA GLN C 221 33.63 -34.63 3.18
C GLN C 221 32.22 -34.75 3.74
N SER C 222 31.51 -33.70 3.67
CA SER C 222 30.18 -33.25 4.06
C SER C 222 29.23 -33.36 2.88
N PRO C 223 27.95 -33.68 3.12
CA PRO C 223 27.05 -33.91 1.99
C PRO C 223 26.68 -32.62 1.28
N GLN C 224 26.53 -32.71 -0.04
CA GLN C 224 26.11 -31.58 -0.84
C GLN C 224 24.84 -31.95 -1.60
N LEU C 225 24.03 -30.93 -1.86
CA LEU C 225 22.75 -31.11 -2.52
C LEU C 225 22.96 -31.23 -4.02
N LEU C 226 22.32 -32.23 -4.63
CA LEU C 226 22.38 -32.41 -6.06
C LEU C 226 21.09 -31.97 -6.74
N ILE C 227 19.97 -32.57 -6.36
CA ILE C 227 18.68 -32.30 -6.96
C ILE C 227 17.70 -31.98 -5.84
N TYR C 228 16.98 -30.87 -5.97
CA TYR C 228 15.91 -30.52 -5.06
C TYR C 228 14.59 -30.56 -5.80
N ARG C 229 13.55 -31.05 -5.10
CA ARG C 229 12.19 -31.25 -5.64
C ARG C 229 12.18 -32.17 -6.86
N MET C 230 13.10 -33.14 -6.87
CA MET C 230 13.16 -34.33 -7.71
C MET C 230 13.51 -34.05 -9.17
N SER C 231 13.55 -32.78 -9.57
CA SER C 231 13.86 -32.46 -10.97
C SER C 231 14.80 -31.29 -11.14
N ASN C 232 14.93 -30.40 -10.15
CA ASN C 232 15.68 -29.16 -10.32
C ASN C 232 17.14 -29.38 -9.96
N LEU C 233 18.02 -29.12 -10.92
CA LEU C 233 19.45 -29.20 -10.67
C LEU C 233 19.88 -28.05 -9.79
N ALA C 234 20.64 -28.36 -8.75
CA ALA C 234 21.10 -27.32 -7.83
C ALA C 234 22.20 -26.49 -8.48
N SER C 235 22.40 -25.30 -7.93
CA SER C 235 23.42 -24.38 -8.44
C SER C 235 24.79 -24.85 -7.97
N GLY C 236 25.69 -25.08 -8.93
CA GLY C 236 27.00 -25.59 -8.64
C GLY C 236 27.18 -27.05 -9.00
N VAL C 237 26.10 -27.74 -9.34
CA VAL C 237 26.15 -29.16 -9.71
C VAL C 237 26.13 -29.21 -11.24
N PRO C 238 26.98 -30.04 -11.86
CA PRO C 238 27.00 -30.10 -13.33
C PRO C 238 25.74 -30.75 -13.89
N ASP C 239 25.60 -30.63 -15.21
CA ASP C 239 24.39 -31.04 -15.91
C ASP C 239 24.30 -32.53 -16.14
N ARG C 240 25.25 -33.32 -15.61
CA ARG C 240 25.19 -34.76 -15.77
C ARG C 240 24.12 -35.38 -14.89
N PHE C 241 23.80 -34.74 -13.77
CA PHE C 241 22.85 -35.27 -12.80
C PHE C 241 21.44 -34.88 -13.23
N SER C 242 20.79 -35.74 -13.99
CA SER C 242 19.43 -35.51 -14.47
C SER C 242 18.49 -36.37 -13.63
N GLY C 243 18.09 -35.84 -12.47
CA GLY C 243 17.19 -36.58 -11.61
C GLY C 243 15.75 -36.43 -12.04
N SER C 244 15.03 -37.54 -12.02
CA SER C 244 13.62 -37.56 -12.39
C SER C 244 12.91 -38.57 -11.50
N GLY C 245 11.69 -38.93 -11.86
CA GLY C 245 10.95 -39.88 -11.05
C GLY C 245 9.45 -39.71 -11.08
N SER C 246 8.77 -40.52 -10.29
CA SER C 246 7.32 -40.59 -10.26
C SER C 246 6.84 -40.21 -8.85
N GLY C 247 5.55 -40.44 -8.60
CA GLY C 247 4.96 -40.08 -7.33
C GLY C 247 5.47 -40.86 -6.14
N THR C 248 5.92 -42.11 -6.36
CA THR C 248 6.48 -42.91 -5.28
C THR C 248 7.71 -43.69 -5.68
N ALA C 249 8.15 -43.62 -6.93
CA ALA C 249 9.38 -44.26 -7.38
C ALA C 249 10.26 -43.22 -8.03
N PHE C 250 11.52 -43.14 -7.60
CA PHE C 250 12.41 -42.05 -8.00
C PHE C 250 13.71 -42.59 -8.57
N THR C 251 14.48 -41.69 -9.17
CA THR C 251 15.73 -42.06 -9.81
C THR C 251 16.66 -40.86 -9.88
N LEU C 252 17.96 -41.15 -10.01
CA LEU C 252 18.98 -40.14 -10.21
C LEU C 252 19.96 -40.69 -11.23
N THR C 253 19.93 -40.16 -12.45
CA THR C 253 20.76 -40.65 -13.54
C THR C 253 21.99 -39.76 -13.66
N ILE C 254 23.16 -40.33 -13.40
CA ILE C 254 24.44 -39.69 -13.66
C ILE C 254 24.90 -40.16 -15.03
N SER C 255 24.95 -39.24 -16.00
CA SER C 255 25.06 -39.63 -17.40
C SER C 255 26.49 -40.03 -17.77
N ARG C 256 27.49 -39.33 -17.24
CA ARG C 256 28.89 -39.68 -17.45
C ARG C 256 29.61 -39.47 -16.14
N LEU C 257 30.23 -40.52 -15.61
CA LEU C 257 30.78 -40.47 -14.27
C LEU C 257 32.25 -40.04 -14.30
N GLU C 258 32.60 -39.18 -13.35
CA GLU C 258 33.98 -38.81 -13.08
C GLU C 258 34.38 -39.32 -11.70
N ALA C 259 35.63 -39.06 -11.34
CA ALA C 259 36.14 -39.53 -10.07
C ALA C 259 35.60 -38.74 -8.89
N GLU C 260 35.05 -37.55 -9.13
CA GLU C 260 34.40 -36.78 -8.08
C GLU C 260 32.99 -37.25 -7.79
N ASP C 261 32.48 -38.20 -8.57
CA ASP C 261 31.13 -38.73 -8.41
C ASP C 261 31.08 -39.97 -7.53
N VAL C 262 32.15 -40.24 -6.79
CA VAL C 262 32.25 -41.44 -5.97
C VAL C 262 31.90 -41.08 -4.55
N GLY C 263 30.83 -41.67 -4.03
CA GLY C 263 30.42 -41.41 -2.67
C GLY C 263 29.15 -42.15 -2.34
N VAL C 264 28.54 -41.76 -1.23
CA VAL C 264 27.28 -42.34 -0.78
C VAL C 264 26.17 -41.38 -1.17
N TYR C 265 25.33 -41.79 -2.11
CA TYR C 265 24.24 -40.96 -2.60
C TYR C 265 23.00 -41.20 -1.76
N TYR C 266 22.63 -40.21 -0.95
CA TYR C 266 21.48 -40.34 -0.08
C TYR C 266 20.24 -39.76 -0.74
N CYS C 267 19.13 -39.79 -0.01
CA CYS C 267 17.86 -39.26 -0.46
C CYS C 267 17.16 -38.67 0.75
N MET C 268 16.16 -37.82 0.49
CA MET C 268 15.44 -37.19 1.58
C MET C 268 14.05 -36.79 1.10
N GLN C 269 13.11 -36.79 2.03
CA GLN C 269 11.77 -36.29 1.80
C GLN C 269 11.57 -35.01 2.61
N HIS C 270 10.70 -34.15 2.12
CA HIS C 270 10.37 -32.92 2.83
C HIS C 270 8.89 -32.65 2.78
N LEU C 271 8.08 -33.71 2.85
CA LEU C 271 6.64 -33.57 2.93
C LEU C 271 6.16 -33.55 4.37
N GLU C 272 6.48 -34.58 5.14
CA GLU C 272 6.21 -34.64 6.56
C GLU C 272 7.47 -34.28 7.31
N TYR C 273 7.32 -33.65 8.47
CA TYR C 273 8.50 -33.01 9.05
C TYR C 273 9.54 -33.91 9.73
N PRO C 274 9.24 -35.11 10.23
CA PRO C 274 10.36 -36.01 10.47
C PRO C 274 11.00 -36.38 9.15
N LEU C 275 12.13 -35.73 8.88
CA LEU C 275 12.77 -35.83 7.56
C LEU C 275 13.62 -37.09 7.57
N THR C 276 13.07 -38.15 7.01
CA THR C 276 13.72 -39.44 7.01
C THR C 276 14.57 -39.59 5.75
N PHE C 277 15.78 -40.07 5.94
CA PHE C 277 16.73 -40.26 4.86
C PHE C 277 16.64 -41.71 4.38
N GLY C 278 17.56 -42.08 3.47
CA GLY C 278 17.74 -43.45 3.06
C GLY C 278 19.02 -44.01 3.65
N ALA C 279 19.23 -45.29 3.39
CA ALA C 279 20.45 -45.94 3.85
C ALA C 279 21.66 -45.51 3.03
N GLY C 280 21.44 -45.13 1.78
CA GLY C 280 22.52 -44.60 0.97
C GLY C 280 23.09 -45.59 -0.02
N THR C 281 23.02 -45.25 -1.29
CA THR C 281 23.63 -46.05 -2.35
C THR C 281 25.07 -45.59 -2.53
N LYS C 282 26.01 -46.44 -2.17
CA LYS C 282 27.42 -46.12 -2.22
C LYS C 282 27.99 -46.58 -3.55
N LEU C 283 28.71 -45.68 -4.23
CA LEU C 283 29.41 -46.03 -5.45
C LEU C 283 30.88 -46.25 -5.13
N GLU C 284 31.50 -47.18 -5.84
CA GLU C 284 32.92 -47.42 -5.72
C GLU C 284 33.50 -47.71 -7.09
N LEU C 285 34.74 -47.29 -7.30
CA LEU C 285 35.38 -47.45 -8.60
C LEU C 285 36.53 -48.45 -8.53
N THR D 6 24.78 27.89 -38.00
CA THR D 6 25.56 26.76 -38.48
C THR D 6 25.45 25.65 -37.44
N ALA D 7 25.23 26.05 -36.19
CA ALA D 7 25.03 25.07 -35.13
C ALA D 7 23.69 24.35 -35.28
N SER D 8 22.63 25.08 -35.60
CA SER D 8 21.32 24.48 -35.81
C SER D 8 21.09 24.02 -37.24
N ILE D 9 22.01 24.34 -38.16
CA ILE D 9 21.93 23.80 -39.51
C ILE D 9 22.27 22.31 -39.49
N ALA D 10 23.20 21.91 -38.63
CA ALA D 10 23.49 20.49 -38.45
C ALA D 10 22.42 19.78 -37.63
N GLN D 11 21.55 20.52 -36.94
CA GLN D 11 20.43 19.92 -36.24
C GLN D 11 19.17 19.86 -37.11
N ALA D 12 18.96 20.85 -37.97
CA ALA D 12 17.85 20.78 -38.92
C ALA D 12 18.12 19.74 -40.00
N ARG D 13 19.39 19.48 -40.32
CA ARG D 13 19.73 18.44 -41.27
C ARG D 13 19.55 17.04 -40.70
N LYS D 14 19.58 16.91 -39.37
CA LYS D 14 19.32 15.61 -38.76
C LYS D 14 17.85 15.26 -38.83
N LEU D 15 16.97 16.26 -38.89
CA LEU D 15 15.55 15.99 -39.03
C LEU D 15 15.18 15.65 -40.47
N VAL D 16 15.84 16.27 -41.45
CA VAL D 16 15.53 15.96 -42.85
C VAL D 16 16.23 14.69 -43.32
N GLU D 17 17.17 14.15 -42.56
CA GLU D 17 17.78 12.88 -42.89
C GLU D 17 17.02 11.72 -42.27
N GLN D 18 16.39 11.93 -41.12
CA GLN D 18 15.55 10.91 -40.53
C GLN D 18 14.24 10.79 -41.30
N LEU D 19 13.71 11.91 -41.78
CA LEU D 19 12.46 11.90 -42.54
C LEU D 19 12.66 11.30 -43.92
N LYS D 20 13.87 11.36 -44.46
CA LYS D 20 14.14 10.71 -45.75
C LYS D 20 14.24 9.21 -45.59
N MET D 21 14.68 8.73 -44.43
CA MET D 21 14.72 7.30 -44.14
C MET D 21 13.35 6.75 -43.78
N GLU D 22 12.36 7.61 -43.57
CA GLU D 22 11.00 7.18 -43.28
C GLU D 22 10.07 7.30 -44.47
N ALA D 23 10.38 8.21 -45.39
CA ALA D 23 9.57 8.41 -46.58
C ALA D 23 9.90 7.44 -47.71
N ASN D 24 10.87 6.56 -47.49
CA ASN D 24 11.31 5.62 -48.52
C ASN D 24 11.27 4.18 -48.01
N ILE D 25 10.23 3.81 -47.29
CA ILE D 25 10.09 2.47 -46.78
C ILE D 25 8.90 1.78 -47.45
N ASP D 26 8.79 0.47 -47.25
CA ASP D 26 7.71 -0.31 -47.83
C ASP D 26 6.48 -0.22 -46.94
N ARG D 27 5.37 0.24 -47.51
CA ARG D 27 4.10 0.32 -46.81
C ARG D 27 3.09 -0.57 -47.51
N ILE D 28 2.67 -1.64 -46.84
CA ILE D 28 1.61 -2.48 -47.35
C ILE D 28 0.29 -1.77 -47.11
N LYS D 29 -0.78 -2.26 -47.74
CA LYS D 29 -2.08 -1.64 -47.59
C LYS D 29 -2.63 -1.88 -46.19
N VAL D 30 -3.57 -1.02 -45.79
CA VAL D 30 -4.17 -1.13 -44.48
C VAL D 30 -5.06 -2.37 -44.40
N SER D 31 -5.73 -2.70 -45.50
CA SER D 31 -6.56 -3.89 -45.55
C SER D 31 -5.75 -5.18 -45.51
N LYS D 32 -4.47 -5.12 -45.83
CA LYS D 32 -3.60 -6.27 -45.62
C LYS D 32 -3.08 -6.34 -44.19
N ALA D 33 -2.86 -5.20 -43.55
CA ALA D 33 -2.37 -5.19 -42.18
C ALA D 33 -3.48 -5.35 -41.17
N ALA D 34 -4.70 -4.94 -41.51
CA ALA D 34 -5.82 -5.14 -40.61
C ALA D 34 -6.38 -6.56 -40.70
N ALA D 35 -6.26 -7.20 -41.86
CA ALA D 35 -6.66 -8.58 -41.98
C ALA D 35 -5.67 -9.52 -41.33
N ASP D 36 -4.38 -9.16 -41.34
CA ASP D 36 -3.38 -9.96 -40.66
C ASP D 36 -3.40 -9.77 -39.14
N LEU D 37 -4.09 -8.74 -38.65
CA LEU D 37 -4.29 -8.61 -37.22
C LEU D 37 -5.49 -9.41 -36.75
N MET D 38 -6.56 -9.45 -37.52
CA MET D 38 -7.72 -10.26 -37.14
C MET D 38 -7.53 -11.73 -37.44
N ALA D 39 -6.60 -12.08 -38.33
CA ALA D 39 -6.24 -13.48 -38.51
C ALA D 39 -5.41 -14.02 -37.36
N TYR D 40 -4.74 -13.15 -36.60
CA TYR D 40 -4.01 -13.60 -35.43
C TYR D 40 -4.94 -13.83 -34.25
N CYS D 41 -5.99 -13.01 -34.12
CA CYS D 41 -6.89 -13.19 -33.00
C CYS D 41 -7.81 -14.38 -33.18
N GLU D 42 -8.17 -14.73 -34.42
CA GLU D 42 -8.94 -15.94 -34.65
C GLU D 42 -8.10 -17.20 -34.55
N ALA D 43 -6.79 -17.10 -34.75
CA ALA D 43 -5.94 -18.27 -34.65
C ALA D 43 -5.59 -18.62 -33.21
N HIS D 44 -5.59 -17.64 -32.31
CA HIS D 44 -5.22 -17.86 -30.91
C HIS D 44 -6.37 -17.57 -29.96
N ALA D 45 -7.61 -17.66 -30.42
CA ALA D 45 -8.74 -17.28 -29.59
C ALA D 45 -8.99 -18.30 -28.49
N LYS D 46 -8.87 -19.58 -28.80
CA LYS D 46 -9.21 -20.64 -27.84
C LYS D 46 -8.16 -20.83 -26.76
N GLU D 47 -6.97 -20.26 -26.92
CA GLU D 47 -5.96 -20.25 -25.88
C GLU D 47 -5.80 -18.87 -25.27
N ASP D 48 -6.91 -18.15 -25.14
CA ASP D 48 -6.97 -16.86 -24.45
C ASP D 48 -7.86 -17.00 -23.23
N PRO D 49 -7.31 -17.15 -22.03
CA PRO D 49 -8.13 -17.41 -20.84
C PRO D 49 -8.95 -16.22 -20.34
N LEU D 50 -8.84 -15.05 -20.95
CA LEU D 50 -9.65 -13.90 -20.57
C LEU D 50 -10.83 -13.68 -21.50
N LEU D 51 -10.64 -13.93 -22.79
CA LEU D 51 -11.72 -13.84 -23.75
C LEU D 51 -12.59 -15.10 -23.71
N THR D 52 -11.95 -16.27 -23.59
CA THR D 52 -12.65 -17.54 -23.47
C THR D 52 -12.29 -18.16 -22.13
N PRO D 53 -13.12 -17.98 -21.09
CA PRO D 53 -12.69 -18.38 -19.75
C PRO D 53 -12.66 -19.88 -19.54
N VAL D 54 -11.70 -20.30 -18.73
CA VAL D 54 -11.45 -21.69 -18.38
C VAL D 54 -12.26 -22.03 -17.14
N PRO D 55 -12.49 -23.33 -16.81
CA PRO D 55 -13.21 -23.65 -15.57
C PRO D 55 -12.41 -23.40 -14.30
N ALA D 56 -13.00 -23.75 -13.16
CA ALA D 56 -12.37 -23.53 -11.86
C ALA D 56 -11.36 -24.61 -11.51
N SER D 57 -11.11 -25.56 -12.40
CA SER D 57 -10.12 -26.61 -12.17
C SER D 57 -8.73 -26.19 -12.60
N GLU D 58 -8.57 -25.73 -13.83
CA GLU D 58 -7.28 -25.27 -14.32
C GLU D 58 -7.07 -23.77 -14.17
N ASN D 59 -7.89 -23.11 -13.36
CA ASN D 59 -7.66 -21.72 -13.01
C ASN D 59 -6.84 -21.70 -11.73
N PRO D 60 -5.58 -21.26 -11.76
CA PRO D 60 -4.72 -21.37 -10.58
C PRO D 60 -4.99 -20.34 -9.51
N PHE D 61 -5.88 -19.38 -9.75
CA PHE D 61 -6.19 -18.34 -8.79
C PHE D 61 -7.52 -18.58 -8.08
N ARG D 62 -8.07 -19.79 -8.21
CA ARG D 62 -9.31 -20.16 -7.54
C ARG D 62 -9.33 -21.65 -7.26
CA ASP E 1 -49.20 1.40 44.51
C ASP E 1 -47.87 2.04 44.13
N ASP E 2 -46.85 1.20 43.96
CA ASP E 2 -45.51 1.68 43.70
C ASP E 2 -45.36 2.06 42.23
N PHE E 3 -44.17 2.53 41.88
CA PHE E 3 -43.82 2.84 40.49
C PHE E 3 -42.31 2.63 40.37
N PHE E 4 -41.91 1.50 39.82
CA PHE E 4 -40.49 1.20 39.70
C PHE E 4 -40.05 1.55 38.28
N GLY E 5 -39.36 2.68 38.14
CA GLY E 5 -38.86 3.09 36.86
C GLY E 5 -37.53 2.44 36.54
N LEU E 6 -37.29 2.23 35.25
CA LEU E 6 -36.12 1.52 34.79
C LEU E 6 -35.09 2.47 34.20
N MET E 7 -33.83 2.07 34.26
CA MET E 7 -32.75 2.88 33.74
C MET E 7 -32.70 2.80 32.23
N ALA E 8 -33.29 1.73 31.68
N ALA F 7 10.72 -28.32 0.50
CA ALA F 7 10.37 -26.93 0.73
C ALA F 7 8.89 -26.80 1.05
N GLU F 8 8.57 -26.83 2.34
CA GLU F 8 7.18 -26.85 2.77
C GLU F 8 6.56 -25.47 2.61
N ASP F 9 5.28 -25.45 2.25
CA ASP F 9 4.53 -24.21 2.12
C ASP F 9 4.27 -23.54 3.46
N LYS F 10 4.29 -24.30 4.55
CA LYS F 10 4.13 -23.71 5.88
C LYS F 10 5.32 -22.84 6.24
N ALA F 11 6.50 -23.19 5.77
CA ALA F 11 7.68 -22.38 6.00
C ALA F 11 7.81 -21.25 4.99
N ALA F 12 7.04 -21.29 3.90
CA ALA F 12 6.98 -20.16 2.99
C ALA F 12 6.07 -19.08 3.53
N VAL F 13 4.99 -19.44 4.21
CA VAL F 13 4.10 -18.44 4.78
C VAL F 13 4.67 -17.92 6.10
N GLU F 14 5.65 -18.62 6.66
CA GLU F 14 6.34 -18.07 7.83
C GLU F 14 7.33 -17.00 7.42
N ARG F 15 7.92 -17.13 6.24
CA ARG F 15 8.78 -16.07 5.70
C ARG F 15 7.95 -14.86 5.32
N SER F 16 6.74 -15.08 4.80
CA SER F 16 5.86 -13.98 4.42
C SER F 16 5.35 -13.22 5.63
N LYS F 17 5.18 -13.90 6.76
CA LYS F 17 4.79 -13.23 7.99
C LYS F 17 5.98 -12.78 8.82
N MET F 18 7.20 -13.03 8.36
CA MET F 18 8.36 -12.34 8.91
C MET F 18 8.64 -11.07 8.12
N ILE F 19 8.19 -11.01 6.88
CA ILE F 19 8.34 -9.82 6.06
C ILE F 19 7.29 -8.79 6.45
N GLU F 20 6.05 -9.23 6.70
CA GLU F 20 5.01 -8.31 7.14
C GLU F 20 5.24 -7.77 8.55
N LYS F 21 6.03 -8.45 9.37
CA LYS F 21 6.42 -7.87 10.65
C LYS F 21 7.46 -6.77 10.45
N GLN F 22 8.37 -6.96 9.49
CA GLN F 22 9.27 -5.88 9.14
C GLN F 22 8.54 -4.77 8.39
N LEU F 23 7.53 -5.12 7.60
CA LEU F 23 6.77 -4.11 6.88
C LEU F 23 5.88 -3.29 7.81
N GLN F 24 5.47 -3.85 8.93
CA GLN F 24 4.67 -3.07 9.86
C GLN F 24 5.52 -2.09 10.66
N LYS F 25 6.77 -2.46 10.94
CA LYS F 25 7.63 -1.56 11.70
C LYS F 25 8.35 -0.55 10.82
N ASP F 26 8.17 -0.60 9.50
CA ASP F 26 8.54 0.52 8.65
C ASP F 26 7.34 1.33 8.20
N LYS F 27 6.13 0.88 8.52
CA LYS F 27 4.95 1.73 8.39
C LYS F 27 4.89 2.75 9.51
N GLN F 28 5.35 2.39 10.70
CA GLN F 28 5.33 3.30 11.83
C GLN F 28 6.37 4.39 11.71
N VAL F 29 7.52 4.09 11.12
CA VAL F 29 8.49 5.14 10.82
C VAL F 29 7.96 6.05 9.72
N TYR F 30 7.28 5.47 8.73
CA TYR F 30 6.79 6.21 7.58
C TYR F 30 5.66 7.15 7.95
N ARG F 31 4.75 6.71 8.82
CA ARG F 31 3.63 7.56 9.21
C ARG F 31 4.06 8.66 10.17
N ARG F 32 5.11 8.45 10.93
CA ARG F 32 5.64 9.45 11.85
C ARG F 32 6.60 10.42 11.18
N THR F 33 6.83 10.27 9.89
CA THR F 33 7.78 11.11 9.16
C THR F 33 7.02 12.01 8.21
N LEU F 34 7.33 13.29 8.24
CA LEU F 34 6.68 14.28 7.41
C LEU F 34 7.55 14.57 6.21
N ARG F 35 6.96 14.56 5.03
CA ARG F 35 7.68 14.74 3.78
C ARG F 35 7.42 16.13 3.22
N LEU F 36 8.48 16.76 2.73
CA LEU F 36 8.37 18.10 2.17
C LEU F 36 8.95 18.09 0.77
N LEU F 37 8.72 19.18 0.05
CA LEU F 37 9.16 19.27 -1.34
C LEU F 37 9.65 20.68 -1.59
N LEU F 38 10.96 20.84 -1.75
CA LEU F 38 11.53 22.13 -2.07
C LEU F 38 11.33 22.45 -3.53
N LEU F 39 10.79 23.62 -3.81
CA LEU F 39 10.71 24.12 -5.16
C LEU F 39 11.16 25.57 -5.17
N GLY F 40 11.73 25.99 -6.28
CA GLY F 40 12.28 27.32 -6.39
C GLY F 40 13.35 27.36 -7.45
N ALA F 41 13.60 28.56 -7.96
CA ALA F 41 14.52 28.71 -9.07
C ALA F 41 15.96 28.73 -8.57
N ASP F 42 16.89 28.91 -9.52
CA ASP F 42 18.30 28.93 -9.18
C ASP F 42 18.70 30.24 -8.49
N ASN F 43 17.96 31.31 -8.71
CA ASN F 43 18.27 32.58 -8.05
C ASN F 43 17.94 32.55 -6.57
N SER F 44 16.91 31.78 -6.19
CA SER F 44 16.52 31.65 -4.80
C SER F 44 17.56 30.87 -4.01
N GLY F 45 17.50 31.03 -2.70
CA GLY F 45 18.48 30.41 -1.83
C GLY F 45 18.05 29.05 -1.36
N LYS F 46 17.49 28.25 -2.27
CA LYS F 46 17.03 26.91 -1.94
C LYS F 46 18.20 26.00 -1.59
N SER F 47 19.34 26.21 -2.23
CA SER F 47 20.56 25.48 -1.93
C SER F 47 21.23 25.94 -0.65
N THR F 48 20.71 26.97 0.01
CA THR F 48 21.30 27.47 1.24
C THR F 48 20.48 27.16 2.49
N ILE F 49 19.16 26.99 2.37
CA ILE F 49 18.36 26.58 3.53
C ILE F 49 18.69 25.13 3.90
N VAL F 50 19.04 24.31 2.92
CA VAL F 50 19.51 22.96 3.20
C VAL F 50 20.88 22.97 3.87
N LYS F 51 21.67 24.02 3.67
CA LYS F 51 22.91 24.17 4.42
C LYS F 51 22.63 24.64 5.83
N GLN F 52 21.56 25.41 6.04
CA GLN F 52 21.20 25.94 7.35
C GLN F 52 20.29 25.01 8.13
N MET F 53 20.38 23.70 7.92
CA MET F 53 19.45 22.77 8.55
C MET F 53 20.15 21.50 8.97
N ARG F 54 19.71 20.95 10.10
CA ARG F 54 20.26 19.72 10.69
C ARG F 54 19.28 19.08 11.68
N THR F 181 25.04 13.55 -11.44
CA THR F 181 23.77 13.61 -12.17
C THR F 181 22.62 13.02 -11.34
N SER F 182 22.76 13.06 -10.02
CA SER F 182 21.73 12.53 -9.14
C SER F 182 20.52 13.44 -9.15
N GLY F 183 19.36 12.87 -9.41
CA GLY F 183 18.19 13.67 -9.69
C GLY F 183 17.30 13.98 -8.52
N ILE F 184 17.65 13.56 -7.32
CA ILE F 184 16.84 13.88 -6.15
C ILE F 184 17.77 13.96 -4.95
N PHE F 185 17.53 14.95 -4.10
CA PHE F 185 18.34 15.20 -2.93
C PHE F 185 17.43 15.15 -1.71
N GLU F 186 17.62 14.16 -0.86
CA GLU F 186 16.91 14.11 0.41
C GLU F 186 17.73 14.83 1.47
N THR F 187 17.03 15.50 2.38
CA THR F 187 17.67 16.19 3.50
C THR F 187 16.82 15.94 4.73
N LYS F 188 17.29 15.07 5.62
CA LYS F 188 16.56 14.73 6.82
C LYS F 188 16.96 15.65 7.96
N PHE F 189 15.96 16.14 8.70
CA PHE F 189 16.22 16.91 9.91
C PHE F 189 15.06 16.69 10.88
N GLN F 190 15.37 16.76 12.16
CA GLN F 190 14.38 16.62 13.22
C GLN F 190 14.28 17.92 13.99
N VAL F 191 13.06 18.39 14.20
CA VAL F 191 12.78 19.47 15.15
C VAL F 191 11.67 19.01 16.09
N ASP F 192 11.95 19.08 17.39
CA ASP F 192 11.06 18.66 18.47
C ASP F 192 10.63 17.20 18.32
N LYS F 193 11.62 16.34 18.06
CA LYS F 193 11.49 14.88 17.96
C LYS F 193 10.48 14.45 16.89
N VAL F 194 10.38 15.22 15.80
CA VAL F 194 9.50 14.91 14.68
C VAL F 194 10.34 14.95 13.42
N ASN F 195 10.36 13.84 12.69
CA ASN F 195 11.25 13.69 11.55
C ASN F 195 10.70 14.40 10.32
N PHE F 196 11.59 15.02 9.56
CA PHE F 196 11.24 15.76 8.35
C PHE F 196 12.11 15.28 7.20
N HIS F 197 11.46 14.97 6.07
CA HIS F 197 12.14 14.67 4.82
C HIS F 197 11.93 15.84 3.87
N MET F 198 13.02 16.42 3.40
CA MET F 198 12.96 17.35 2.28
C MET F 198 13.41 16.65 1.01
N PHE F 199 12.96 17.18 -0.12
CA PHE F 199 13.27 16.61 -1.43
C PHE F 199 13.54 17.75 -2.38
N ASP F 200 14.80 18.16 -2.45
CA ASP F 200 15.22 19.21 -3.37
C ASP F 200 15.45 18.57 -4.72
N VAL F 201 14.43 18.64 -5.58
CA VAL F 201 14.50 17.98 -6.88
C VAL F 201 15.42 18.77 -7.81
N GLY F 202 16.42 18.11 -8.36
CA GLY F 202 17.39 18.74 -9.21
C GLY F 202 17.79 17.76 -10.29
N ALA F 203 18.74 18.20 -11.14
CA ALA F 203 19.28 17.42 -12.25
C ALA F 203 18.20 16.94 -13.20
N GLN F 204 17.15 17.74 -13.37
CA GLN F 204 16.01 17.39 -14.19
C GLN F 204 16.00 18.25 -15.45
N ARG F 205 14.98 18.04 -16.26
CA ARG F 205 14.77 18.84 -17.46
C ARG F 205 13.90 20.03 -17.09
N ASP F 206 13.50 20.84 -18.07
CA ASP F 206 12.80 22.08 -17.76
C ASP F 206 11.32 21.85 -17.42
N GLU F 207 10.66 20.96 -18.14
CA GLU F 207 9.23 20.73 -17.98
C GLU F 207 8.97 19.79 -16.82
N ARG F 208 8.00 20.16 -15.98
CA ARG F 208 7.73 19.42 -14.76
C ARG F 208 6.31 18.89 -14.68
N ARG F 209 5.63 18.77 -15.82
CA ARG F 209 4.22 18.38 -15.76
C ARG F 209 4.03 16.90 -15.46
N LYS F 210 5.09 16.10 -15.51
CA LYS F 210 4.96 14.66 -15.35
C LYS F 210 5.42 14.14 -14.00
N TRP F 211 6.57 14.58 -13.48
CA TRP F 211 7.01 14.07 -12.19
C TRP F 211 6.45 14.83 -11.01
N ILE F 212 5.63 15.86 -11.24
CA ILE F 212 4.98 16.55 -10.14
C ILE F 212 3.80 15.76 -9.59
N GLN F 213 3.37 14.72 -10.30
CA GLN F 213 2.36 13.81 -9.78
C GLN F 213 2.92 12.87 -8.72
N CYS F 214 4.23 12.65 -8.73
CA CYS F 214 4.85 11.79 -7.73
C CYS F 214 4.76 12.38 -6.35
N PHE F 215 4.80 13.71 -6.25
CA PHE F 215 4.78 14.42 -4.98
C PHE F 215 3.39 14.84 -4.56
N ASN F 216 2.36 14.25 -5.18
CA ASN F 216 1.04 14.25 -4.60
C ASN F 216 1.09 13.47 -3.28
N ASP F 217 0.21 13.83 -2.36
CA ASP F 217 0.17 13.29 -0.99
C ASP F 217 1.49 13.49 -0.27
N VAL F 218 2.07 14.68 -0.42
CA VAL F 218 3.18 15.13 0.39
C VAL F 218 2.59 16.12 1.38
N THR F 219 3.31 16.36 2.48
CA THR F 219 2.74 17.18 3.55
C THR F 219 2.71 18.66 3.17
N ALA F 220 3.78 19.17 2.58
CA ALA F 220 3.82 20.56 2.18
C ALA F 220 4.78 20.74 1.01
N ILE F 221 4.71 21.91 0.39
CA ILE F 221 5.65 22.32 -0.64
C ILE F 221 6.31 23.60 -0.14
N ILE F 222 7.59 23.53 0.19
CA ILE F 222 8.36 24.73 0.49
C ILE F 222 8.72 25.38 -0.84
N PHE F 223 8.15 26.55 -1.11
CA PHE F 223 8.44 27.30 -2.33
C PHE F 223 9.27 28.51 -1.96
N VAL F 224 10.48 28.58 -2.49
CA VAL F 224 11.41 29.65 -2.15
C VAL F 224 11.44 30.63 -3.32
N VAL F 225 11.22 31.90 -3.01
CA VAL F 225 11.15 32.98 -3.99
C VAL F 225 12.16 34.04 -3.60
N ASP F 226 12.98 34.47 -4.55
CA ASP F 226 13.95 35.52 -4.31
C ASP F 226 13.24 36.86 -4.38
N SER F 227 13.00 37.46 -3.22
CA SER F 227 12.29 38.73 -3.13
C SER F 227 13.17 39.93 -3.46
N SER F 228 14.44 39.72 -3.75
CA SER F 228 15.33 40.82 -4.12
C SER F 228 15.34 41.07 -5.63
N ASP F 229 15.24 40.02 -6.43
CA ASP F 229 15.37 40.12 -7.87
C ASP F 229 14.02 40.52 -8.43
N TYR F 230 13.88 41.81 -8.77
CA TYR F 230 12.57 42.35 -9.14
C TYR F 230 12.13 41.87 -10.51
N ASN F 231 13.06 41.72 -11.45
CA ASN F 231 12.69 41.49 -12.83
C ASN F 231 12.22 40.06 -13.07
N ARG F 232 12.72 39.11 -12.29
CA ARG F 232 12.34 37.71 -12.43
C ARG F 232 11.31 37.29 -11.39
N LEU F 233 10.60 38.24 -10.80
CA LEU F 233 9.58 37.92 -9.81
C LEU F 233 8.25 37.55 -10.45
N GLN F 234 8.01 37.98 -11.69
CA GLN F 234 6.76 37.62 -12.35
C GLN F 234 6.74 36.16 -12.76
N GLU F 235 7.89 35.61 -13.18
CA GLU F 235 7.93 34.17 -13.45
C GLU F 235 7.98 33.35 -12.18
N ALA F 236 8.36 33.96 -11.05
CA ALA F 236 8.16 33.30 -9.77
C ALA F 236 6.69 33.31 -9.39
N LEU F 237 5.93 34.28 -9.89
CA LEU F 237 4.48 34.27 -9.69
C LEU F 237 3.80 33.36 -10.69
N ASN F 238 4.44 33.09 -11.83
CA ASN F 238 3.84 32.22 -12.83
C ASN F 238 4.00 30.75 -12.48
N ASP F 239 5.15 30.37 -11.90
CA ASP F 239 5.33 28.96 -11.57
C ASP F 239 4.76 28.65 -10.19
N PHE F 240 4.57 29.68 -9.36
CA PHE F 240 3.73 29.50 -8.18
C PHE F 240 2.27 29.30 -8.57
N ASP F 241 1.85 29.93 -9.66
CA ASP F 241 0.51 29.71 -10.19
C ASP F 241 0.37 28.29 -10.75
N SER F 242 1.46 27.71 -11.24
CA SER F 242 1.42 26.34 -11.74
C SER F 242 1.38 25.32 -10.60
N ILE F 243 2.06 25.61 -9.49
CA ILE F 243 2.00 24.73 -8.33
C ILE F 243 0.63 24.80 -7.67
N TRP F 244 0.09 26.00 -7.51
CA TRP F 244 -1.15 26.17 -6.77
C TRP F 244 -2.36 25.69 -7.57
N ASN F 245 -2.30 25.76 -8.89
CA ASN F 245 -3.41 25.33 -9.73
C ASN F 245 -3.16 24.00 -10.42
N ASN F 246 -2.20 23.22 -9.92
CA ASN F 246 -1.97 21.90 -10.47
C ASN F 246 -3.10 20.96 -10.04
N ARG F 247 -3.40 19.99 -10.90
CA ARG F 247 -4.47 19.06 -10.60
C ARG F 247 -4.08 18.06 -9.53
N TRP F 248 -2.79 17.82 -9.33
CA TRP F 248 -2.34 16.85 -8.35
C TRP F 248 -1.90 17.49 -7.04
N LEU F 249 -1.57 18.77 -7.04
CA LEU F 249 -1.22 19.50 -5.83
C LEU F 249 -2.41 20.30 -5.32
N ARG F 250 -3.61 19.75 -5.48
CA ARG F 250 -4.84 20.41 -5.08
C ARG F 250 -4.99 20.43 -3.57
N THR F 251 -4.55 19.37 -2.90
CA THR F 251 -4.71 19.22 -1.46
C THR F 251 -3.48 19.71 -0.69
N ILE F 252 -2.38 19.95 -1.39
CA ILE F 252 -1.10 20.22 -0.74
C ILE F 252 -0.95 21.71 -0.50
N SER F 253 -0.56 22.07 0.71
CA SER F 253 -0.36 23.44 1.12
C SER F 253 1.08 23.88 0.85
N VAL F 254 1.23 25.14 0.49
CA VAL F 254 2.53 25.71 0.11
C VAL F 254 3.02 26.58 1.25
N ILE F 255 4.27 26.39 1.66
CA ILE F 255 4.93 27.25 2.63
C ILE F 255 5.88 28.15 1.86
N LEU F 256 5.45 29.37 1.58
CA LEU F 256 6.31 30.33 0.91
C LEU F 256 7.37 30.86 1.86
N PHE F 257 8.61 30.79 1.44
CA PHE F 257 9.71 31.44 2.12
C PHE F 257 10.17 32.54 1.18
N LEU F 258 9.68 33.76 1.41
CA LEU F 258 10.11 34.92 0.65
C LEU F 258 11.51 35.28 1.09
N ASN F 259 12.48 34.64 0.46
CA ASN F 259 13.88 34.63 0.86
C ASN F 259 14.56 35.95 0.53
N LYS F 260 15.77 36.10 1.09
CA LYS F 260 16.68 37.21 0.83
C LYS F 260 16.05 38.55 1.20
N GLN F 261 15.59 38.65 2.44
CA GLN F 261 14.96 39.88 2.89
C GLN F 261 15.98 40.97 3.19
N ASP F 262 17.19 40.59 3.61
CA ASP F 262 18.24 41.58 3.81
C ASP F 262 18.71 42.15 2.48
N LEU F 263 18.60 41.37 1.41
CA LEU F 263 18.88 41.87 0.08
C LEU F 263 17.73 42.73 -0.44
N LEU F 264 16.55 42.60 0.13
CA LEU F 264 15.42 43.47 -0.20
C LEU F 264 15.44 44.75 0.61
N ALA F 265 15.93 44.68 1.85
CA ALA F 265 16.02 45.88 2.68
C ALA F 265 17.04 46.86 2.13
N GLU F 266 18.17 46.36 1.62
CA GLU F 266 19.18 47.25 1.07
C GLU F 266 18.82 47.77 -0.31
N LYS F 267 17.74 47.29 -0.93
CA LYS F 267 17.44 47.68 -2.30
C LYS F 267 16.52 48.89 -2.35
N VAL F 268 15.56 48.99 -1.44
CA VAL F 268 14.71 50.17 -1.37
C VAL F 268 15.23 51.23 -0.40
N LEU F 269 16.14 50.87 0.51
CA LEU F 269 16.87 51.88 1.24
C LEU F 269 17.98 52.51 0.41
N ALA F 270 18.34 51.92 -0.72
CA ALA F 270 19.19 52.57 -1.70
C ALA F 270 18.40 53.32 -2.75
N GLY F 271 17.18 52.87 -3.04
CA GLY F 271 16.26 53.61 -3.89
C GLY F 271 16.56 53.58 -5.38
N LYS F 272 17.53 52.79 -5.81
CA LYS F 272 17.92 52.79 -7.22
C LYS F 272 16.93 52.02 -8.08
N SER F 273 16.79 50.73 -7.83
CA SER F 273 15.81 49.92 -8.55
C SER F 273 14.42 50.15 -7.98
N LYS F 274 13.44 50.25 -8.86
CA LYS F 274 12.08 50.59 -8.46
C LYS F 274 11.14 49.44 -8.73
N ILE F 275 10.11 49.33 -7.88
CA ILE F 275 9.11 48.30 -8.07
C ILE F 275 8.04 48.74 -9.05
N GLU F 276 7.87 50.06 -9.23
CA GLU F 276 6.78 50.60 -10.04
C GLU F 276 6.95 50.31 -11.52
N ASP F 277 8.17 50.00 -11.97
CA ASP F 277 8.38 49.71 -13.39
C ASP F 277 7.98 48.28 -13.70
N TYR F 278 8.42 47.31 -12.88
CA TYR F 278 8.11 45.92 -13.13
C TYR F 278 6.67 45.59 -12.76
N PHE F 279 6.10 46.28 -11.77
CA PHE F 279 4.71 46.14 -11.39
C PHE F 279 4.04 47.50 -11.45
N PRO F 280 3.07 47.72 -12.35
CA PRO F 280 2.50 49.07 -12.50
C PRO F 280 1.56 49.48 -11.38
N GLU F 281 1.13 48.56 -10.53
CA GLU F 281 0.14 48.85 -9.50
C GLU F 281 0.76 48.97 -8.11
N PHE F 282 2.05 49.27 -8.04
CA PHE F 282 2.64 49.63 -6.75
C PHE F 282 2.41 51.09 -6.40
N ALA F 283 2.16 51.95 -7.39
CA ALA F 283 1.92 53.36 -7.13
C ALA F 283 0.58 53.61 -6.48
N ARG F 284 -0.35 52.66 -6.56
CA ARG F 284 -1.67 52.82 -5.98
C ARG F 284 -1.92 51.82 -4.85
N TYR F 285 -0.87 51.30 -4.25
CA TYR F 285 -0.99 50.38 -3.12
C TYR F 285 -0.45 51.04 -1.86
N THR F 286 -1.21 50.92 -0.77
CA THR F 286 -0.77 51.40 0.53
C THR F 286 -0.74 50.25 1.52
N THR F 287 0.01 50.44 2.59
CA THR F 287 0.20 49.40 3.58
C THR F 287 -1.08 49.21 4.39
N PRO F 288 -1.49 47.96 4.64
CA PRO F 288 -2.63 47.74 5.54
C PRO F 288 -2.29 48.09 6.98
N GLU F 289 -3.34 48.32 7.76
CA GLU F 289 -3.18 48.84 9.12
C GLU F 289 -2.62 47.78 10.06
N ASP F 290 -3.34 46.68 10.25
CA ASP F 290 -2.95 45.64 11.19
C ASP F 290 -1.86 44.78 10.55
N ALA F 291 -0.64 45.30 10.53
CA ALA F 291 0.48 44.59 9.94
C ALA F 291 1.78 45.12 10.54
N THR F 292 2.89 44.70 9.93
CA THR F 292 4.27 45.10 10.20
C THR F 292 4.69 44.96 11.66
N PRO F 293 4.89 43.75 12.18
CA PRO F 293 5.45 43.60 13.53
C PRO F 293 6.98 43.61 13.54
N GLU F 294 7.56 44.55 12.81
CA GLU F 294 8.99 44.67 12.73
C GLU F 294 9.50 45.66 13.78
N PRO F 295 10.70 45.44 14.31
CA PRO F 295 11.27 46.42 15.26
C PRO F 295 11.58 47.77 14.62
N GLY F 296 12.41 47.80 13.59
CA GLY F 296 12.86 49.09 13.08
C GLY F 296 13.26 49.08 11.62
N GLU F 297 12.62 49.99 10.87
CA GLU F 297 12.65 50.14 9.43
C GLU F 297 11.73 51.30 9.09
N ASP F 298 11.80 51.76 7.86
CA ASP F 298 10.78 52.67 7.38
C ASP F 298 9.73 51.91 6.57
N PRO F 299 8.51 52.43 6.46
CA PRO F 299 7.48 51.70 5.71
C PRO F 299 7.65 51.64 4.20
N ARG F 300 8.77 52.12 3.65
CA ARG F 300 9.06 51.84 2.25
C ARG F 300 9.39 50.37 2.05
N VAL F 301 10.20 49.79 2.94
CA VAL F 301 10.48 48.36 2.84
C VAL F 301 9.29 47.54 3.31
N THR F 302 8.41 48.12 4.12
CA THR F 302 7.23 47.40 4.56
C THR F 302 6.15 47.39 3.49
N ARG F 303 5.95 48.52 2.81
CA ARG F 303 5.02 48.55 1.67
C ARG F 303 5.57 47.77 0.50
N ALA F 304 6.89 47.62 0.41
CA ALA F 304 7.48 46.74 -0.59
C ALA F 304 7.21 45.28 -0.23
N LYS F 305 7.60 44.86 0.97
CA LYS F 305 7.55 43.45 1.31
C LYS F 305 6.13 42.96 1.58
N TYR F 306 5.21 43.83 1.96
CA TYR F 306 3.84 43.37 2.13
C TYR F 306 3.05 43.38 0.83
N PHE F 307 3.62 43.96 -0.23
CA PHE F 307 3.00 43.90 -1.55
C PHE F 307 3.44 42.64 -2.29
N ILE F 308 4.69 42.21 -2.07
CA ILE F 308 5.17 40.96 -2.63
C ILE F 308 4.41 39.79 -2.01
N ARG F 309 4.11 39.87 -0.72
CA ARG F 309 3.25 38.88 -0.10
C ARG F 309 1.84 38.96 -0.63
N LYS F 310 1.36 40.18 -0.94
CA LYS F 310 -0.01 40.35 -1.42
C LYS F 310 -0.18 39.77 -2.81
N GLU F 311 0.86 39.84 -3.65
CA GLU F 311 0.76 39.28 -4.98
C GLU F 311 0.80 37.76 -4.96
N PHE F 312 1.43 37.18 -3.93
CA PHE F 312 1.49 35.74 -3.81
C PHE F 312 0.28 35.16 -3.10
N VAL F 313 -0.52 35.99 -2.42
CA VAL F 313 -1.78 35.55 -1.87
C VAL F 313 -2.96 35.99 -2.71
N ASP F 314 -2.73 36.76 -3.78
CA ASP F 314 -3.76 36.92 -4.79
C ASP F 314 -3.96 35.63 -5.56
N ILE F 315 -2.94 34.78 -5.62
CA ILE F 315 -3.05 33.51 -6.31
C ILE F 315 -3.60 32.42 -5.39
N SER F 316 -3.25 32.46 -4.11
CA SER F 316 -3.68 31.41 -3.20
C SER F 316 -5.13 31.57 -2.76
N THR F 317 -5.63 32.80 -2.70
CA THR F 317 -6.99 33.04 -2.22
C THR F 317 -8.01 33.06 -3.34
N ALA F 318 -7.62 33.45 -4.55
CA ALA F 318 -8.58 33.50 -5.65
C ALA F 318 -8.73 32.14 -6.32
N SER F 319 -7.65 31.60 -6.85
CA SER F 319 -7.70 30.40 -7.70
C SER F 319 -7.52 29.12 -6.90
N GLY F 320 -7.92 29.10 -5.64
CA GLY F 320 -7.77 27.91 -4.81
C GLY F 320 -8.98 27.70 -3.94
N ASP F 321 -9.13 26.46 -3.48
CA ASP F 321 -10.25 26.07 -2.64
C ASP F 321 -9.83 26.13 -1.17
N GLY F 322 -10.67 25.60 -0.29
CA GLY F 322 -10.36 25.56 1.13
C GLY F 322 -9.69 24.27 1.54
N ARG F 323 -9.17 23.53 0.57
CA ARG F 323 -8.45 22.30 0.82
C ARG F 323 -6.97 22.51 1.08
N HIS F 324 -6.43 23.68 0.74
CA HIS F 324 -5.02 23.98 0.96
C HIS F 324 -4.84 25.48 1.08
N ILE F 325 -3.97 25.88 2.01
CA ILE F 325 -3.79 27.27 2.38
C ILE F 325 -2.30 27.60 2.35
N CYS F 326 -1.96 28.78 1.84
CA CYS F 326 -0.58 29.22 1.79
C CYS F 326 -0.11 29.68 3.16
N TYR F 327 1.21 29.76 3.31
CA TYR F 327 1.83 30.21 4.55
C TYR F 327 3.03 31.08 4.21
N PRO F 328 2.85 32.39 4.15
CA PRO F 328 3.96 33.25 3.77
C PRO F 328 4.85 33.58 4.95
N HIS F 329 6.15 33.49 4.72
CA HIS F 329 7.15 33.87 5.71
C HIS F 329 8.22 34.68 5.01
N PHE F 330 9.04 35.35 5.83
CA PHE F 330 10.16 36.15 5.33
C PHE F 330 11.44 35.60 5.94
N THR F 331 12.31 35.07 5.10
CA THR F 331 13.50 34.35 5.53
C THR F 331 14.74 35.04 4.99
N CYS F 332 15.88 34.79 5.64
CA CYS F 332 17.12 35.46 5.32
C CYS F 332 18.21 34.43 5.03
N ALA F 333 19.45 34.91 4.95
CA ALA F 333 20.58 34.05 4.63
C ALA F 333 20.89 33.11 5.78
N VAL F 334 21.32 33.66 6.91
CA VAL F 334 21.53 32.86 8.11
C VAL F 334 20.38 33.14 9.05
N ASP F 335 19.35 32.29 8.99
CA ASP F 335 18.17 32.40 9.85
C ASP F 335 17.86 31.02 10.38
N THR F 336 18.21 30.78 11.64
CA THR F 336 18.12 29.42 12.18
C THR F 336 16.69 29.00 12.51
N GLU F 337 15.75 29.93 12.47
CA GLU F 337 14.37 29.64 12.81
C GLU F 337 13.58 29.09 11.63
N ASN F 338 14.23 28.77 10.52
CA ASN F 338 13.50 28.29 9.34
C ASN F 338 13.00 26.86 9.53
N ALA F 339 13.66 26.08 10.37
CA ALA F 339 13.16 24.75 10.69
C ALA F 339 12.05 24.79 11.72
N ARG F 340 11.97 25.86 12.50
CA ARG F 340 10.86 26.03 13.44
C ARG F 340 9.61 26.53 12.72
N ARG F 341 9.77 27.35 11.69
CA ARG F 341 8.63 27.83 10.91
C ARG F 341 7.97 26.70 10.14
N ILE F 342 8.78 25.76 9.63
CA ILE F 342 8.24 24.59 8.94
C ILE F 342 7.49 23.70 9.93
N PHE F 343 8.03 23.57 11.14
CA PHE F 343 7.40 22.72 12.15
C PHE F 343 6.09 23.30 12.64
N ASN F 344 6.03 24.63 12.76
CA ASN F 344 4.80 25.25 13.21
C ASN F 344 3.74 25.24 12.12
N ASP F 345 4.14 25.36 10.87
CA ASP F 345 3.18 25.36 9.78
C ASP F 345 2.73 23.95 9.43
N CYS F 346 3.61 22.96 9.51
CA CYS F 346 3.21 21.59 9.25
C CYS F 346 2.32 21.05 10.36
N LYS F 347 2.50 21.54 11.58
CA LYS F 347 1.59 21.21 12.67
C LYS F 347 0.19 21.76 12.40
N ASP F 348 0.11 22.89 11.70
CA ASP F 348 -1.17 23.45 11.32
C ASP F 348 -1.75 22.75 10.10
N ILE F 349 -0.89 22.20 9.23
CA ILE F 349 -1.37 21.49 8.05
C ILE F 349 -1.98 20.15 8.44
N ILE F 350 -1.32 19.41 9.32
CA ILE F 350 -1.85 18.15 9.82
C ILE F 350 -3.08 18.38 10.70
N LEU F 351 -3.18 19.56 11.32
CA LEU F 351 -4.35 19.87 12.15
C LEU F 351 -5.61 20.02 11.31
N GLN F 352 -5.51 20.61 10.12
CA GLN F 352 -6.67 20.64 9.25
C GLN F 352 -6.86 19.34 8.49
N MET F 353 -5.82 18.53 8.32
CA MET F 353 -6.04 17.18 7.82
C MET F 353 -6.71 16.30 8.87
N ASN F 354 -6.54 16.62 10.15
CA ASN F 354 -7.22 15.90 11.21
C ASN F 354 -8.59 16.47 11.52
N LEU F 355 -8.78 17.78 11.38
CA LEU F 355 -10.09 18.36 11.60
C LEU F 355 -11.08 17.96 10.51
N ARG F 356 -10.58 17.65 9.32
CA ARG F 356 -11.46 17.18 8.25
C ARG F 356 -11.73 15.70 8.34
N GLU F 357 -10.79 14.90 8.86
CA GLU F 357 -11.06 13.47 8.96
C GLU F 357 -11.83 13.11 10.22
N TYR F 358 -11.84 13.97 11.22
CA TYR F 358 -12.70 13.80 12.38
C TYR F 358 -14.03 14.54 12.22
N ASN F 359 -14.26 15.09 11.03
CA ASN F 359 -15.50 15.77 10.63
C ASN F 359 -15.82 17.00 11.49
N LEU F 360 -14.79 17.58 12.10
CA LEU F 360 -14.96 18.81 12.88
C LEU F 360 -14.58 20.04 12.04
N VAL F 361 -15.25 20.22 10.91
CA VAL F 361 -15.07 21.42 10.12
C VAL F 361 -16.42 22.04 9.79
#